data_4HDI
#
_entry.id   4HDI
#
_cell.length_a   67.070
_cell.length_b   98.289
_cell.length_c   142.363
_cell.angle_alpha   90.00
_cell.angle_beta   90.00
_cell.angle_gamma   90.00
#
_symmetry.space_group_name_H-M   'P 21 21 21'
#
loop_
_entity.id
_entity.type
_entity.pdbx_description
1 polymer 'Kappa light chain variable region, Anti-colorectal carcinoma light chain'
2 polymer 'Ig heavy chain V region RF, Ig gamma-3 chain C region'
3 water water
#
loop_
_entity_poly.entity_id
_entity_poly.type
_entity_poly.pdbx_seq_one_letter_code
_entity_poly.pdbx_strand_id
1 'polypeptide(L)'
;DVVMTQTPLSLPVSLGDQASISCRSSQSLVHSNGNTYLHWYLQKPGQSPKLLIYKVANRFSGVPDRFSGSGSGTDFTLKI
SRVEAEDLGVYFCSQSTHVPWTFGGGTKLEIKRADAAPTVSIFPPSSEQLTSGGASVVCFLNNFYPKDINVKWKIDGSER
QNGVLNSWTDQDSKDSTYSMSSTLTLTKDEYERHNSYTCEATHKTSTSPIVKSFNRNEC
;
L,A
2 'polypeptide(L)'
;DVKLVESGGGLVKLGGSLKLSCAASGFTFSNYFMSWVRQTPEKRLELVAVITSNGDNTYYPDTVKGRFTISRDNAQNTLY
LQMSSLKSEDTALYYCARRDSSASLYFDYWGQGTTLTVSSATTTAPSVYPLVPGCSDTSGSSVTLGCLVKGYFPEPVTVK
WNYGALSSGVRTVSSVLQSGFYSLSSLVTVPSSTWPSQTVICNVAHPASKTELIKRIEPR
;
H,B
#
# COMPACT_ATOMS: atom_id res chain seq x y z
N ASP A 1 -7.05 -23.94 21.08
CA ASP A 1 -6.23 -22.69 21.20
C ASP A 1 -5.65 -22.53 22.60
N VAL A 2 -4.37 -22.84 22.74
CA VAL A 2 -3.73 -22.84 24.05
C VAL A 2 -3.16 -21.48 24.37
N VAL A 3 -3.74 -20.84 25.38
CA VAL A 3 -3.22 -19.61 25.92
C VAL A 3 -2.00 -19.94 26.78
N MET A 4 -0.85 -19.40 26.36
CA MET A 4 0.41 -19.46 27.11
C MET A 4 0.57 -18.15 27.88
N THR A 5 0.75 -18.23 29.19
CA THR A 5 0.82 -17.02 30.03
C THR A 5 2.15 -16.90 30.79
N GLN A 6 2.90 -15.84 30.50
CA GLN A 6 4.20 -15.59 31.12
C GLN A 6 4.07 -14.51 32.19
N THR A 7 4.84 -14.67 33.27
CA THR A 7 5.04 -13.61 34.23
C THR A 7 6.50 -13.68 34.73
N PRO A 8 7.12 -12.53 35.06
CA PRO A 8 6.59 -11.16 34.91
C PRO A 8 6.60 -10.74 33.45
N LEU A 9 5.95 -9.62 33.15
CA LEU A 9 5.93 -9.09 31.79
C LEU A 9 7.24 -8.35 31.55
N SER A 10 7.79 -7.73 32.60
CA SER A 10 9.13 -7.15 32.51
C SER A 10 9.98 -7.56 33.71
N LEU A 11 11.24 -7.92 33.45
CA LEU A 11 12.15 -8.36 34.48
C LEU A 11 13.45 -7.58 34.42
N PRO A 12 13.73 -6.76 35.45
CA PRO A 12 15.02 -6.11 35.58
C PRO A 12 15.89 -6.85 36.59
N VAL A 13 17.15 -7.14 36.25
CA VAL A 13 18.09 -7.68 37.25
C VAL A 13 19.52 -7.25 36.99
N SER A 14 20.35 -7.31 38.02
CA SER A 14 21.70 -6.74 37.98
C SER A 14 22.67 -7.77 37.47
N LEU A 15 23.81 -7.32 36.94
CA LEU A 15 24.79 -8.26 36.38
C LEU A 15 25.24 -9.29 37.40
N GLY A 16 25.39 -10.54 36.96
CA GLY A 16 25.77 -11.63 37.85
C GLY A 16 24.61 -12.18 38.69
N ASP A 17 23.57 -11.38 38.93
CA ASP A 17 22.40 -11.87 39.67
C ASP A 17 21.52 -12.75 38.78
N GLN A 18 20.79 -13.67 39.38
CA GLN A 18 19.98 -14.59 38.60
C GLN A 18 18.53 -14.13 38.45
N ALA A 19 17.91 -14.57 37.36
CA ALA A 19 16.55 -14.16 37.02
C ALA A 19 15.71 -15.38 36.70
N SER A 20 14.40 -15.24 36.92
CA SER A 20 13.48 -16.36 36.80
C SER A 20 12.23 -15.95 36.06
N ILE A 21 11.97 -16.64 34.97
CA ILE A 21 10.85 -16.32 34.11
C ILE A 21 9.89 -17.48 34.16
N SER A 22 8.63 -17.17 34.40
CA SER A 22 7.61 -18.20 34.56
C SER A 22 6.75 -18.25 33.31
N CYS A 23 6.32 -19.46 32.95
CA CYS A 23 5.46 -19.65 31.80
C CYS A 23 4.42 -20.69 32.18
N ARG A 24 3.15 -20.28 32.16
CA ARG A 24 2.03 -21.14 32.54
C ARG A 24 1.09 -21.33 31.35
N SER A 25 0.61 -22.55 31.17
CA SER A 25 -0.25 -22.84 30.02
C SER A 25 -1.69 -23.19 30.40
N SER A 26 -2.61 -22.67 29.60
CA SER A 26 -4.03 -22.99 29.65
C SER A 26 -4.31 -24.47 29.88
N GLN A 27 -3.59 -25.33 29.15
CA GLN A 27 -3.75 -26.79 29.24
C GLN A 27 -2.40 -27.52 29.38
N SER A 28 -2.46 -28.84 29.56
CA SER A 28 -1.25 -29.66 29.71
C SER A 28 -0.49 -29.75 28.39
N LEU A 29 0.85 -29.64 28.46
CA LEU A 29 1.70 -29.70 27.27
C LEU A 29 2.39 -31.05 27.10
N VAL A 30 1.79 -32.08 27.69
CA VAL A 30 2.24 -33.43 27.49
C VAL A 30 1.44 -34.01 26.32
N HIS A 31 2.14 -34.39 25.24
CA HIS A 31 1.51 -34.95 24.06
C HIS A 31 1.01 -36.35 24.41
N SER A 32 0.11 -36.89 23.59
CA SER A 32 -0.33 -38.28 23.73
C SER A 32 0.83 -39.26 23.63
N ASN A 33 2.02 -38.79 23.26
CA ASN A 33 3.22 -39.64 23.28
C ASN A 33 4.10 -39.40 24.51
N GLY A 34 3.64 -38.54 25.43
CA GLY A 34 4.39 -38.26 26.68
C GLY A 34 5.45 -37.18 26.55
N ASN A 35 5.97 -36.99 25.35
CA ASN A 35 6.86 -35.85 25.10
C ASN A 35 6.13 -34.56 25.43
N THR A 36 6.88 -33.57 25.88
CA THR A 36 6.35 -32.26 26.20
C THR A 36 6.98 -31.20 25.30
N TYR A 37 6.19 -30.65 24.37
CA TYR A 37 6.75 -29.75 23.37
C TYR A 37 6.62 -28.29 23.79
N LEU A 38 7.44 -27.93 24.77
CA LEU A 38 7.50 -26.57 25.30
C LEU A 38 8.91 -26.04 25.06
N HIS A 39 9.05 -24.97 24.25
CA HIS A 39 10.39 -24.44 23.91
C HIS A 39 10.56 -23.00 24.40
N TRP A 40 11.79 -22.53 24.47
CA TRP A 40 12.08 -21.13 24.77
C TRP A 40 12.87 -20.48 23.64
N TYR A 41 12.45 -19.26 23.32
CA TYR A 41 13.13 -18.43 22.34
C TYR A 41 13.54 -17.12 23.02
N LEU A 42 14.76 -16.67 22.73
CA LEU A 42 15.15 -15.31 23.08
C LEU A 42 15.22 -14.47 21.79
N GLN A 43 14.67 -13.24 21.85
CA GLN A 43 14.76 -12.28 20.74
C GLN A 43 15.46 -11.04 21.24
N LYS A 44 16.67 -10.81 20.78
CA LYS A 44 17.45 -9.63 21.17
C LYS A 44 17.03 -8.41 20.36
N PRO A 45 17.27 -7.19 20.89
CA PRO A 45 16.86 -5.98 20.16
C PRO A 45 17.31 -5.98 18.71
N GLY A 46 16.38 -5.75 17.79
CA GLY A 46 16.68 -5.71 16.36
C GLY A 46 17.13 -7.00 15.68
N GLN A 47 16.67 -8.15 16.19
CA GLN A 47 16.97 -9.45 15.56
C GLN A 47 15.77 -10.36 15.55
N SER A 48 15.86 -11.46 14.82
CA SER A 48 14.89 -12.53 14.93
C SER A 48 14.93 -13.20 16.32
N PRO A 49 13.85 -13.88 16.69
CA PRO A 49 13.97 -14.81 17.77
C PRO A 49 14.91 -15.98 17.43
N LYS A 50 15.69 -16.45 18.41
CA LYS A 50 16.52 -17.66 18.28
C LYS A 50 16.24 -18.61 19.45
N LEU A 51 16.14 -19.88 19.11
CA LEU A 51 15.94 -20.94 20.08
C LEU A 51 17.00 -20.93 21.17
N LEU A 52 16.56 -21.06 22.41
CA LEU A 52 17.46 -21.32 23.53
C LEU A 52 17.29 -22.76 24.05
N ILE A 53 16.04 -23.14 24.25
CA ILE A 53 15.71 -24.41 24.86
C ILE A 53 14.55 -25.09 24.14
N TYR A 54 14.68 -26.38 23.91
CA TYR A 54 13.59 -27.16 23.31
C TYR A 54 13.24 -28.34 24.19
N LYS A 55 11.95 -28.59 24.34
CA LYS A 55 11.43 -29.69 25.14
C LYS A 55 11.91 -29.51 26.56
N VAL A 56 11.38 -28.46 27.17
CA VAL A 56 11.53 -28.15 28.58
C VAL A 56 12.92 -27.75 29.01
N ALA A 57 13.94 -28.54 28.67
CA ALA A 57 15.22 -28.44 29.35
C ALA A 57 16.48 -28.60 28.52
N ASN A 58 16.33 -28.83 27.22
CA ASN A 58 17.47 -29.08 26.32
C ASN A 58 18.00 -27.79 25.67
N ARG A 59 19.24 -27.45 25.99
CA ARG A 59 19.92 -26.31 25.42
C ARG A 59 20.35 -26.60 23.99
N PHE A 60 19.89 -25.74 23.07
CA PHE A 60 20.32 -25.70 21.67
C PHE A 60 21.82 -25.51 21.62
N SER A 61 22.49 -26.11 20.64
CA SER A 61 23.94 -25.97 20.57
C SER A 61 24.29 -24.48 20.46
N GLY A 62 25.20 -24.04 21.32
CA GLY A 62 25.67 -22.67 21.36
C GLY A 62 25.32 -22.01 22.67
N VAL A 63 24.23 -22.46 23.29
CA VAL A 63 23.68 -21.84 24.48
C VAL A 63 24.42 -22.24 25.76
N PRO A 64 24.92 -21.24 26.53
CA PRO A 64 25.68 -21.59 27.72
C PRO A 64 24.88 -22.24 28.85
N ASP A 65 25.62 -22.72 29.85
CA ASP A 65 25.09 -23.50 30.98
C ASP A 65 24.30 -22.64 31.95
N ARG A 66 24.51 -21.31 31.87
CA ARG A 66 23.73 -20.33 32.65
C ARG A 66 22.22 -20.53 32.53
N PHE A 67 21.77 -20.91 31.33
CA PHE A 67 20.35 -21.03 30.99
C PHE A 67 19.88 -22.45 31.24
N SER A 68 18.70 -22.59 31.83
CA SER A 68 18.10 -23.91 32.00
C SER A 68 16.58 -23.82 32.17
N GLY A 69 15.87 -24.81 31.67
CA GLY A 69 14.42 -24.83 31.76
C GLY A 69 13.94 -26.03 32.57
N SER A 70 12.76 -25.89 33.14
CA SER A 70 12.22 -26.83 34.11
C SER A 70 10.69 -26.75 34.15
N GLY A 71 10.08 -27.79 34.74
CA GLY A 71 8.63 -27.86 34.93
C GLY A 71 7.94 -28.95 34.12
N SER A 72 6.62 -29.02 34.28
CA SER A 72 5.83 -30.07 33.65
C SER A 72 4.38 -29.62 33.46
N GLY A 73 3.56 -30.49 32.89
CA GLY A 73 2.14 -30.22 32.67
C GLY A 73 1.87 -28.85 32.09
N THR A 74 1.57 -27.91 32.97
CA THR A 74 1.18 -26.56 32.60
C THR A 74 2.12 -25.48 33.15
N ASP A 75 3.18 -25.90 33.83
CA ASP A 75 3.97 -24.97 34.64
C ASP A 75 5.42 -25.15 34.32
N PHE A 76 6.02 -24.11 33.75
CA PHE A 76 7.39 -24.18 33.28
C PHE A 76 8.16 -22.93 33.64
N THR A 77 9.45 -23.08 33.89
CA THR A 77 10.28 -21.93 34.25
C THR A 77 11.61 -21.97 33.51
N LEU A 78 12.14 -20.79 33.20
CA LEU A 78 13.49 -20.63 32.66
C LEU A 78 14.33 -19.80 33.63
N LYS A 79 15.58 -20.22 33.84
CA LYS A 79 16.46 -19.60 34.85
C LYS A 79 17.80 -19.17 34.26
N ILE A 80 18.23 -17.98 34.63
CA ILE A 80 19.48 -17.41 34.11
C ILE A 80 20.37 -16.97 35.28
N SER A 81 21.43 -17.72 35.52
CA SER A 81 22.17 -17.63 36.80
C SER A 81 23.07 -16.39 36.90
N ARG A 82 24.11 -16.33 36.08
CA ARG A 82 24.99 -15.17 36.08
C ARG A 82 24.56 -14.32 34.92
N VAL A 83 23.42 -13.64 35.08
CA VAL A 83 22.90 -12.79 34.02
C VAL A 83 24.03 -11.91 33.56
N GLU A 84 24.34 -12.04 32.28
CA GLU A 84 25.29 -11.14 31.64
C GLU A 84 24.55 -10.02 30.92
N ALA A 85 25.31 -9.05 30.48
CA ALA A 85 24.76 -7.87 29.81
C ALA A 85 24.16 -8.23 28.45
N GLU A 86 24.76 -9.18 27.75
CA GLU A 86 24.28 -9.60 26.44
C GLU A 86 22.92 -10.37 26.49
N ASP A 87 22.50 -10.77 27.68
CA ASP A 87 21.29 -11.57 27.84
C ASP A 87 19.98 -10.80 27.74
N LEU A 88 20.02 -9.46 27.71
CA LEU A 88 18.77 -8.68 27.61
C LEU A 88 18.06 -8.93 26.29
N GLY A 89 16.73 -8.87 26.35
CA GLY A 89 15.92 -9.19 25.19
C GLY A 89 14.58 -9.66 25.63
N VAL A 90 13.83 -10.28 24.72
CA VAL A 90 12.46 -10.72 25.01
C VAL A 90 12.41 -12.23 24.99
N TYR A 91 12.13 -12.85 26.14
CA TYR A 91 12.08 -14.31 26.24
C TYR A 91 10.64 -14.77 26.00
N PHE A 92 10.47 -15.69 25.04
CA PHE A 92 9.16 -16.23 24.64
C PHE A 92 9.19 -17.73 24.91
N CYS A 93 8.16 -18.25 25.56
CA CYS A 93 7.96 -19.68 25.63
C CYS A 93 7.00 -20.02 24.52
N SER A 94 7.16 -21.22 23.94
CA SER A 94 6.26 -21.68 22.88
C SER A 94 5.89 -23.12 23.11
N GLN A 95 4.64 -23.46 22.80
CA GLN A 95 4.22 -24.85 22.85
C GLN A 95 3.77 -25.30 21.47
N SER A 96 4.11 -26.55 21.11
CA SER A 96 3.60 -27.16 19.90
C SER A 96 3.09 -28.56 20.16
N THR A 97 2.55 -28.75 21.34
CA THR A 97 1.87 -29.98 21.70
C THR A 97 0.49 -30.00 21.04
N HIS A 98 -0.22 -28.89 21.12
CA HIS A 98 -1.55 -28.77 20.53
C HIS A 98 -1.51 -27.78 19.36
N VAL A 99 -2.27 -28.08 18.31
CA VAL A 99 -2.48 -27.20 17.18
C VAL A 99 -3.70 -26.32 17.47
N PRO A 100 -3.56 -24.98 17.35
CA PRO A 100 -2.47 -24.22 16.75
C PRO A 100 -1.29 -24.07 17.70
N TRP A 101 -0.08 -24.00 17.16
CA TRP A 101 1.08 -23.81 17.99
C TRP A 101 0.98 -22.40 18.53
N THR A 102 1.42 -22.17 19.75
CA THR A 102 1.21 -20.87 20.34
C THR A 102 2.41 -20.40 21.13
N PHE A 103 2.52 -19.07 21.24
CA PHE A 103 3.56 -18.42 21.99
C PHE A 103 2.98 -17.65 23.18
N GLY A 104 3.74 -17.57 24.25
CA GLY A 104 3.50 -16.59 25.29
C GLY A 104 3.86 -15.23 24.72
N GLY A 105 3.34 -14.18 25.35
CA GLY A 105 3.46 -12.82 24.87
C GLY A 105 4.79 -12.17 25.17
N GLY A 106 5.61 -12.86 25.99
CA GLY A 106 7.00 -12.49 26.13
C GLY A 106 7.30 -11.75 27.41
N THR A 107 8.57 -11.78 27.78
CA THR A 107 9.03 -11.20 29.00
C THR A 107 10.29 -10.44 28.71
N LYS A 108 10.27 -9.14 28.99
CA LYS A 108 11.41 -8.29 28.70
C LYS A 108 12.38 -8.35 29.87
N LEU A 109 13.57 -8.87 29.59
CA LEU A 109 14.65 -8.92 30.57
C LEU A 109 15.50 -7.66 30.43
N GLU A 110 15.25 -6.70 31.30
CA GLU A 110 16.06 -5.48 31.40
C GLU A 110 17.26 -5.73 32.33
N ILE A 111 18.34 -4.98 32.14
CA ILE A 111 19.46 -4.99 33.06
C ILE A 111 19.35 -3.85 34.08
N LYS A 112 19.83 -4.09 35.31
CA LYS A 112 19.89 -3.07 36.35
C LYS A 112 21.33 -2.65 36.58
N ARG A 113 21.54 -1.37 36.83
CA ARG A 113 22.89 -0.85 37.04
C ARG A 113 22.89 0.49 37.79
N ALA A 114 24.06 1.00 38.10
CA ALA A 114 24.18 2.29 38.77
C ALA A 114 23.74 3.40 37.84
N ASP A 115 23.15 4.42 38.45
CA ASP A 115 22.67 5.58 37.74
C ASP A 115 23.82 6.22 36.96
N ALA A 116 23.47 6.92 35.87
CA ALA A 116 24.46 7.52 35.00
C ALA A 116 23.91 8.76 34.29
N ALA A 117 24.76 9.81 34.24
CA ALA A 117 24.42 11.09 33.66
C ALA A 117 24.54 11.07 32.15
N PRO A 118 23.61 11.76 31.46
CA PRO A 118 23.73 12.00 30.04
C PRO A 118 24.91 12.86 29.71
N THR A 119 25.63 12.51 28.65
CA THR A 119 26.39 13.49 27.90
C THR A 119 25.36 14.07 26.94
N VAL A 120 25.18 15.39 27.00
CA VAL A 120 24.20 16.08 26.18
C VAL A 120 24.90 16.78 25.01
N SER A 121 24.34 16.61 23.82
CA SER A 121 24.83 17.27 22.59
C SER A 121 23.62 17.87 21.93
N ILE A 122 23.73 19.10 21.48
CA ILE A 122 22.66 19.82 20.78
C ILE A 122 23.13 20.15 19.36
N PHE A 123 22.22 20.08 18.41
CA PHE A 123 22.54 20.21 17.00
C PHE A 123 21.61 21.19 16.33
N PRO A 124 22.15 22.30 15.80
CA PRO A 124 21.40 23.20 14.92
C PRO A 124 20.96 22.46 13.64
N PRO A 125 19.95 22.96 12.94
CA PRO A 125 19.59 22.32 11.69
C PRO A 125 20.70 22.44 10.66
N SER A 126 20.65 21.56 9.66
CA SER A 126 21.57 21.59 8.52
C SER A 126 21.09 22.57 7.46
N SER A 127 22.00 23.15 6.70
CA SER A 127 21.61 24.06 5.63
C SER A 127 20.81 23.32 4.56
N GLU A 128 21.03 22.01 4.44
CA GLU A 128 20.20 21.24 3.54
C GLU A 128 18.72 21.37 3.92
N GLN A 129 18.38 21.01 5.16
CA GLN A 129 17.00 21.09 5.62
C GLN A 129 16.54 22.53 5.54
N LEU A 130 17.38 23.47 5.94
CA LEU A 130 17.01 24.87 5.85
C LEU A 130 16.61 25.28 4.42
N THR A 131 17.39 24.82 3.44
CA THR A 131 17.10 25.10 2.04
C THR A 131 15.70 24.63 1.65
N SER A 132 15.32 23.43 2.11
CA SER A 132 13.97 22.90 1.86
C SER A 132 12.82 23.56 2.66
N GLY A 133 13.13 24.56 3.48
CA GLY A 133 12.12 25.28 4.27
C GLY A 133 11.78 24.69 5.66
N GLY A 134 12.61 23.80 6.18
CA GLY A 134 12.38 23.16 7.50
C GLY A 134 13.56 23.41 8.44
N ALA A 135 13.36 23.23 9.73
CA ALA A 135 14.43 23.41 10.70
C ALA A 135 14.20 22.56 11.98
N SER A 136 14.84 21.39 12.00
CA SER A 136 14.76 20.49 13.12
C SER A 136 15.96 20.74 14.00
N VAL A 137 15.70 21.01 15.29
CA VAL A 137 16.79 21.14 16.29
C VAL A 137 16.83 19.84 17.10
N VAL A 138 18.01 19.24 17.24
CA VAL A 138 18.09 17.95 17.91
C VAL A 138 18.91 18.04 19.19
N CYS A 139 18.50 17.29 20.19
CA CYS A 139 19.22 17.30 21.45
C CYS A 139 19.36 15.84 21.74
N PHE A 140 20.58 15.42 22.03
CA PHE A 140 20.91 14.02 22.15
C PHE A 140 21.44 13.74 23.56
N LEU A 141 20.79 12.81 24.25
CA LEU A 141 21.18 12.44 25.61
C LEU A 141 21.81 11.06 25.54
N ASN A 142 23.10 11.03 25.75
CA ASN A 142 23.85 9.83 25.49
C ASN A 142 24.30 9.14 26.79
N ASN A 143 24.00 7.84 26.89
CA ASN A 143 24.54 6.96 27.94
C ASN A 143 24.08 7.27 29.35
N PHE A 144 22.82 6.99 29.63
CA PHE A 144 22.27 7.30 30.92
C PHE A 144 21.41 6.18 31.48
N TYR A 145 21.30 6.11 32.81
CA TYR A 145 20.40 5.16 33.47
C TYR A 145 19.77 5.86 34.67
N PRO A 146 18.45 5.69 34.93
CA PRO A 146 17.43 4.85 34.30
C PRO A 146 16.90 5.36 32.96
N LYS A 147 15.88 4.67 32.46
CA LYS A 147 15.23 4.97 31.20
C LYS A 147 14.51 6.33 31.22
N ASP A 148 13.78 6.59 32.31
CA ASP A 148 12.93 7.77 32.45
C ASP A 148 13.72 9.05 32.46
N ILE A 149 13.25 10.00 31.64
CA ILE A 149 13.88 11.29 31.47
C ILE A 149 12.86 12.23 30.77
N ASN A 150 12.79 13.47 31.21
CA ASN A 150 12.02 14.46 30.47
C ASN A 150 13.05 15.40 29.88
N VAL A 151 12.82 15.77 28.62
CA VAL A 151 13.60 16.82 27.96
C VAL A 151 12.65 17.88 27.59
N LYS A 152 12.95 19.13 27.87
CA LYS A 152 12.14 20.20 27.28
C LYS A 152 12.96 21.27 26.56
N TRP A 153 12.27 21.98 25.68
CA TRP A 153 12.87 23.00 24.82
C TRP A 153 12.46 24.40 25.20
N LYS A 154 13.43 25.30 25.15
CA LYS A 154 13.17 26.71 25.36
C LYS A 154 13.75 27.49 24.18
N ILE A 155 12.91 28.35 23.60
CA ILE A 155 13.25 29.23 22.51
C ILE A 155 13.20 30.65 23.03
N ASP A 156 14.33 31.34 22.94
CA ASP A 156 14.47 32.65 23.56
C ASP A 156 13.96 32.67 25.02
N GLY A 157 14.22 31.60 25.75
CA GLY A 157 13.90 31.53 27.18
C GLY A 157 12.56 30.91 27.48
N SER A 158 11.73 30.69 26.45
CA SER A 158 10.35 30.36 26.68
C SER A 158 9.96 29.05 26.04
N GLU A 159 9.13 28.32 26.77
CA GLU A 159 8.97 26.90 26.59
C GLU A 159 8.20 26.52 25.30
N ARG A 160 8.55 25.32 24.81
CA ARG A 160 7.99 24.71 23.60
C ARG A 160 7.82 23.16 23.75
N GLN A 161 6.69 22.64 23.29
CA GLN A 161 6.49 21.19 23.07
C GLN A 161 5.74 20.85 21.77
N ASN A 162 5.02 21.82 21.17
CA ASN A 162 4.46 21.62 19.85
C ASN A 162 5.58 21.38 18.83
N GLY A 163 5.52 20.25 18.16
CA GLY A 163 6.54 19.89 17.16
C GLY A 163 7.75 19.23 17.80
N VAL A 164 7.60 18.69 19.02
CA VAL A 164 8.66 17.95 19.71
C VAL A 164 8.42 16.46 19.69
N LEU A 165 9.43 15.69 19.36
CA LEU A 165 9.33 14.22 19.29
C LEU A 165 10.52 13.65 19.98
N ASN A 166 10.27 12.71 20.90
CA ASN A 166 11.29 12.04 21.70
C ASN A 166 11.34 10.57 21.37
N SER A 167 12.52 9.98 21.53
CA SER A 167 12.77 8.63 21.04
C SER A 167 14.04 8.03 21.66
N TRP A 168 13.91 6.81 22.17
CA TRP A 168 14.96 6.13 22.93
C TRP A 168 15.58 4.99 22.11
N THR A 169 16.87 4.78 22.27
CA THR A 169 17.48 3.53 21.87
C THR A 169 17.01 2.42 22.80
N ASP A 170 17.22 1.18 22.36
CA ASP A 170 17.10 -0.01 23.19
C ASP A 170 18.25 0.04 24.18
N GLN A 171 18.10 -0.64 25.32
CA GLN A 171 19.19 -0.72 26.29
C GLN A 171 20.44 -1.32 25.63
N ASP A 172 21.60 -0.69 25.80
CA ASP A 172 22.85 -1.16 25.16
C ASP A 172 23.25 -2.53 25.72
N SER A 173 23.76 -3.38 24.85
CA SER A 173 24.11 -4.73 25.24
C SER A 173 25.47 -4.79 25.96
N LYS A 174 26.33 -3.79 25.75
CA LYS A 174 27.62 -3.72 26.44
C LYS A 174 27.54 -2.94 27.77
N ASP A 175 27.14 -1.67 27.70
CA ASP A 175 27.18 -0.79 28.88
C ASP A 175 25.90 -0.81 29.70
N SER A 176 24.86 -1.40 29.13
CA SER A 176 23.49 -1.34 29.67
C SER A 176 22.93 0.07 29.87
N THR A 177 23.51 1.07 29.21
CA THR A 177 22.95 2.42 29.25
C THR A 177 21.89 2.60 28.16
N TYR A 178 21.19 3.73 28.23
CA TYR A 178 20.23 4.11 27.22
C TYR A 178 20.74 5.41 26.61
N SER A 179 20.25 5.71 25.39
CA SER A 179 20.36 7.05 24.83
C SER A 179 18.98 7.51 24.34
N MET A 180 18.86 8.77 23.95
CA MET A 180 17.61 9.28 23.34
C MET A 180 17.83 10.60 22.67
N SER A 181 16.98 10.92 21.72
CA SER A 181 17.04 12.22 21.09
C SER A 181 15.70 12.86 21.17
N SER A 182 15.68 14.16 21.39
CA SER A 182 14.45 14.96 21.30
C SER A 182 14.60 15.85 20.09
N THR A 183 13.58 15.98 19.24
CA THR A 183 13.69 16.78 18.00
C THR A 183 12.60 17.85 17.91
N LEU A 184 12.99 19.11 17.94
CA LEU A 184 12.08 20.20 17.77
C LEU A 184 12.07 20.61 16.30
N THR A 185 10.97 20.33 15.59
CA THR A 185 10.86 20.69 14.18
C THR A 185 10.05 21.98 13.97
N LEU A 186 10.71 23.05 13.53
CA LEU A 186 10.05 24.29 13.13
C LEU A 186 10.10 24.45 11.61
N THR A 187 9.47 25.51 11.11
CA THR A 187 9.73 26.02 9.77
C THR A 187 10.97 26.86 9.83
N LYS A 188 11.66 27.00 8.70
CA LYS A 188 12.83 27.88 8.63
C LYS A 188 12.43 29.29 9.06
N ASP A 189 11.27 29.75 8.63
CA ASP A 189 10.84 31.09 9.01
C ASP A 189 10.76 31.28 10.53
N GLU A 190 10.13 30.33 11.23
CA GLU A 190 9.99 30.45 12.69
C GLU A 190 11.37 30.28 13.35
N TYR A 191 12.18 29.34 12.87
CA TYR A 191 13.51 29.19 13.39
C TYR A 191 14.30 30.53 13.35
N GLU A 192 14.10 31.33 12.31
CA GLU A 192 14.93 32.51 12.05
C GLU A 192 14.43 33.78 12.73
N ARG A 193 13.28 33.70 13.40
CA ARG A 193 12.77 34.79 14.24
C ARG A 193 13.32 34.71 15.69
N HIS A 194 14.08 33.68 16.02
CA HIS A 194 14.59 33.57 17.37
C HIS A 194 16.08 33.31 17.36
N ASN A 195 16.73 33.70 18.42
CA ASN A 195 18.16 33.50 18.55
C ASN A 195 18.55 32.23 19.34
N SER A 196 18.03 32.12 20.56
CA SER A 196 18.53 31.17 21.56
C SER A 196 17.67 29.91 21.59
N TYR A 197 18.33 28.75 21.54
CA TYR A 197 17.69 27.45 21.50
C TYR A 197 18.30 26.61 22.61
N THR A 198 17.46 26.03 23.45
CA THR A 198 17.94 25.38 24.66
C THR A 198 17.20 24.11 24.94
N CYS A 199 17.92 23.02 25.21
CA CYS A 199 17.22 21.83 25.71
C CYS A 199 17.59 21.53 27.17
N GLU A 200 16.60 21.14 27.94
CA GLU A 200 16.79 20.97 29.41
C GLU A 200 16.31 19.59 29.79
N ALA A 201 17.17 18.78 30.38
CA ALA A 201 16.74 17.45 30.82
C ALA A 201 16.66 17.27 32.35
N THR A 202 15.62 16.56 32.79
CA THR A 202 15.44 16.17 34.20
C THR A 202 14.99 14.71 34.25
N HIS A 203 15.08 14.05 35.40
CA HIS A 203 14.60 12.65 35.48
C HIS A 203 14.03 12.12 36.81
N LYS A 204 14.27 12.80 37.92
CA LYS A 204 13.87 12.28 39.25
C LYS A 204 14.91 11.37 39.91
N THR A 205 16.07 11.19 39.26
CA THR A 205 17.28 10.69 39.92
C THR A 205 18.33 11.81 39.94
N SER A 206 17.87 13.04 39.64
CA SER A 206 18.57 14.29 39.96
C SER A 206 17.55 15.37 40.39
N THR A 207 17.93 16.11 41.44
CA THR A 207 17.15 17.24 41.89
C THR A 207 17.48 18.51 41.09
N SER A 208 18.45 18.40 40.18
CA SER A 208 18.83 19.48 39.27
C SER A 208 18.53 19.05 37.83
N PRO A 209 18.49 20.03 36.88
CA PRO A 209 18.48 19.79 35.43
C PRO A 209 19.84 19.94 34.75
N ILE A 210 19.97 19.38 33.54
CA ILE A 210 21.17 19.52 32.73
C ILE A 210 20.81 20.29 31.46
N VAL A 211 21.58 21.33 31.17
CA VAL A 211 21.22 22.31 30.15
C VAL A 211 22.27 22.38 29.04
N LYS A 212 21.79 22.51 27.80
CA LYS A 212 22.64 22.72 26.64
C LYS A 212 21.92 23.58 25.62
N SER A 213 22.69 24.49 25.02
CA SER A 213 22.14 25.66 24.40
C SER A 213 23.00 26.11 23.24
N PHE A 214 22.40 26.73 22.24
CA PHE A 214 23.16 27.54 21.30
C PHE A 214 22.39 28.80 20.88
N ASN A 215 23.13 29.77 20.38
CA ASN A 215 22.57 30.97 19.81
C ASN A 215 22.80 31.00 18.30
N ARG A 216 21.74 31.27 17.57
CA ARG A 216 21.84 31.45 16.13
C ARG A 216 22.77 32.58 15.71
N ASN A 217 22.79 33.69 16.44
CA ASN A 217 23.57 34.87 16.02
C ASN A 217 25.06 34.62 16.22
N GLU A 218 25.33 33.41 16.68
CA GLU A 218 26.62 32.95 17.07
C GLU A 218 27.05 31.82 16.14
N CYS A 219 26.34 31.67 15.01
CA CYS A 219 26.71 30.67 14.02
C CYS A 219 27.73 31.30 13.08
N ASP B 1 27.04 -21.82 6.25
CA ASP B 1 26.01 -21.52 7.29
C ASP B 1 24.64 -21.51 6.67
N VAL B 2 23.66 -21.94 7.45
CA VAL B 2 22.27 -21.84 7.03
C VAL B 2 21.84 -20.38 6.98
N LYS B 3 21.22 -19.95 5.88
CA LYS B 3 20.47 -18.69 5.92
C LYS B 3 19.16 -18.64 5.16
N LEU B 4 18.32 -17.75 5.66
CA LEU B 4 17.02 -17.51 5.14
C LEU B 4 16.90 -16.03 4.92
N VAL B 5 16.59 -15.62 3.68
CA VAL B 5 16.47 -14.21 3.34
C VAL B 5 15.11 -13.93 2.72
N GLU B 6 14.28 -13.18 3.43
CA GLU B 6 12.95 -12.90 2.90
C GLU B 6 12.89 -11.60 2.10
N SER B 7 11.92 -11.51 1.19
CA SER B 7 11.67 -10.29 0.44
C SER B 7 10.25 -10.34 -0.05
N GLY B 8 9.76 -9.23 -0.61
CA GLY B 8 8.38 -9.12 -1.07
C GLY B 8 7.64 -8.06 -0.29
N GLY B 9 8.17 -7.68 0.86
CA GLY B 9 7.47 -6.81 1.79
C GLY B 9 7.17 -5.49 1.15
N GLY B 10 6.43 -4.68 1.87
CA GLY B 10 5.95 -3.41 1.36
C GLY B 10 4.58 -3.03 1.93
N LEU B 11 4.01 -2.01 1.29
CA LEU B 11 2.74 -1.40 1.69
C LEU B 11 1.67 -1.85 0.72
N VAL B 12 0.46 -2.13 1.23
CA VAL B 12 -0.65 -2.61 0.39
C VAL B 12 -1.99 -2.16 0.95
N LYS B 13 -2.95 -1.92 0.05
CA LYS B 13 -4.30 -1.46 0.40
C LYS B 13 -5.09 -2.60 1.01
N LEU B 14 -5.98 -2.26 1.93
CA LEU B 14 -7.03 -3.17 2.40
C LEU B 14 -7.63 -4.01 1.28
N GLY B 15 -7.77 -5.32 1.53
CA GLY B 15 -8.35 -6.22 0.55
C GLY B 15 -7.42 -6.59 -0.61
N GLY B 16 -6.19 -6.08 -0.60
CA GLY B 16 -5.21 -6.35 -1.65
C GLY B 16 -4.45 -7.67 -1.50
N SER B 17 -3.51 -7.89 -2.41
CA SER B 17 -2.71 -9.11 -2.44
C SER B 17 -1.20 -8.84 -2.51
N LEU B 18 -0.42 -9.68 -1.83
CA LEU B 18 1.04 -9.59 -1.89
C LEU B 18 1.65 -10.97 -1.85
N LYS B 19 2.79 -11.12 -2.47
CA LYS B 19 3.52 -12.37 -2.45
C LYS B 19 4.91 -12.14 -1.87
N LEU B 20 5.15 -12.73 -0.70
CA LEU B 20 6.48 -12.76 -0.10
C LEU B 20 7.26 -13.95 -0.60
N SER B 21 8.58 -13.80 -0.59
CA SER B 21 9.49 -14.88 -0.98
C SER B 21 10.55 -15.06 0.08
N CYS B 22 11.18 -16.23 0.07
CA CYS B 22 12.29 -16.50 0.97
C CYS B 22 13.35 -17.32 0.27
N ALA B 23 14.56 -16.79 0.13
CA ALA B 23 15.62 -17.56 -0.51
C ALA B 23 16.33 -18.30 0.59
N ALA B 24 16.46 -19.62 0.41
CA ALA B 24 17.12 -20.46 1.39
C ALA B 24 18.50 -20.89 0.88
N SER B 25 19.45 -21.07 1.79
CA SER B 25 20.79 -21.53 1.41
C SER B 25 21.61 -22.13 2.56
N GLY B 26 22.55 -23.00 2.22
CA GLY B 26 23.46 -23.64 3.16
C GLY B 26 22.86 -24.85 3.82
N PHE B 27 21.78 -25.39 3.22
CA PHE B 27 21.24 -26.65 3.69
C PHE B 27 20.39 -27.29 2.62
N THR B 28 20.14 -28.59 2.75
CA THR B 28 19.34 -29.28 1.79
C THR B 28 17.87 -28.94 2.04
N PHE B 29 17.38 -27.96 1.27
CA PHE B 29 16.06 -27.38 1.45
C PHE B 29 14.94 -28.42 1.53
N SER B 30 15.05 -29.37 0.59
CA SER B 30 14.19 -30.51 0.37
C SER B 30 13.87 -31.39 1.54
N ASN B 31 14.70 -31.33 2.57
CA ASN B 31 14.58 -32.21 3.69
C ASN B 31 13.92 -31.55 4.91
N TYR B 32 13.46 -30.32 4.77
CA TYR B 32 13.00 -29.55 5.93
C TYR B 32 11.63 -28.93 5.68
N PHE B 33 10.78 -29.07 6.69
CA PHE B 33 9.50 -28.36 6.78
C PHE B 33 9.78 -26.90 6.98
N MET B 34 9.05 -26.04 6.27
CA MET B 34 9.25 -24.61 6.39
C MET B 34 7.99 -23.95 6.94
N SER B 35 8.10 -22.68 7.32
CA SER B 35 6.97 -22.00 7.90
C SER B 35 7.14 -20.53 7.79
N TRP B 36 6.03 -19.80 7.89
CA TRP B 36 6.07 -18.37 8.12
C TRP B 36 5.48 -18.03 9.49
N VAL B 37 6.17 -17.18 10.22
CA VAL B 37 5.76 -16.80 11.57
C VAL B 37 5.83 -15.30 11.53
N ARG B 38 4.79 -14.63 12.02
CA ARG B 38 4.70 -13.17 11.91
C ARG B 38 4.73 -12.54 13.27
N GLN B 39 5.30 -11.35 13.36
CA GLN B 39 5.35 -10.62 14.60
C GLN B 39 4.63 -9.30 14.41
N THR B 40 3.58 -9.09 15.21
CA THR B 40 2.72 -7.92 15.09
C THR B 40 3.41 -6.72 15.70
N PRO B 41 2.89 -5.50 15.40
CA PRO B 41 3.35 -4.28 16.09
C PRO B 41 3.42 -4.45 17.60
N GLU B 42 2.40 -5.05 18.19
CA GLU B 42 2.36 -5.29 19.66
C GLU B 42 3.32 -6.41 20.11
N LYS B 43 4.13 -6.87 19.16
CA LYS B 43 5.35 -7.67 19.41
C LYS B 43 5.05 -9.16 19.65
N ARG B 44 3.81 -9.58 19.38
CA ARG B 44 3.41 -10.96 19.58
C ARG B 44 3.60 -11.78 18.31
N LEU B 45 3.83 -13.08 18.54
CA LEU B 45 4.17 -14.01 17.49
C LEU B 45 3.01 -14.94 17.16
N GLU B 46 2.83 -15.18 15.87
CA GLU B 46 1.78 -16.03 15.40
C GLU B 46 2.26 -16.82 14.20
N LEU B 47 2.19 -18.14 14.33
CA LEU B 47 2.46 -19.04 13.22
C LEU B 47 1.34 -18.88 12.21
N VAL B 48 1.67 -18.59 10.96
CA VAL B 48 0.66 -18.39 9.94
C VAL B 48 0.61 -19.43 8.85
N ALA B 49 1.68 -20.20 8.65
CA ALA B 49 1.74 -21.16 7.53
C ALA B 49 2.84 -22.18 7.73
N VAL B 50 2.53 -23.45 7.46
CA VAL B 50 3.47 -24.56 7.49
C VAL B 50 3.32 -25.41 6.22
N ILE B 51 4.45 -25.81 5.65
CA ILE B 51 4.49 -26.72 4.49
C ILE B 51 5.51 -27.81 4.71
N THR B 52 5.18 -29.04 4.31
CA THR B 52 6.05 -30.18 4.49
C THR B 52 7.22 -30.10 3.52
N SER B 53 8.19 -31.00 3.70
CA SER B 53 9.46 -31.04 2.93
C SER B 53 9.23 -31.16 1.43
N ASN B 54 8.35 -32.08 1.02
CA ASN B 54 8.03 -32.24 -0.42
C ASN B 54 6.90 -31.33 -0.89
N GLY B 55 6.30 -30.58 0.01
CA GLY B 55 5.33 -29.56 -0.37
C GLY B 55 3.97 -30.12 -0.68
N ASP B 56 3.65 -31.28 -0.08
CA ASP B 56 2.43 -32.02 -0.40
C ASP B 56 1.28 -31.66 0.53
N ASN B 57 1.62 -31.36 1.77
CA ASN B 57 0.64 -31.07 2.81
C ASN B 57 0.92 -29.65 3.36
N THR B 58 -0.14 -28.90 3.66
CA THR B 58 -0.03 -27.55 4.21
C THR B 58 -0.89 -27.40 5.46
N TYR B 59 -0.57 -26.41 6.28
CA TYR B 59 -1.40 -26.08 7.44
C TYR B 59 -1.45 -24.58 7.62
N TYR B 60 -2.56 -24.09 8.15
CA TYR B 60 -2.78 -22.69 8.36
C TYR B 60 -3.66 -22.53 9.61
N PRO B 61 -3.45 -21.50 10.42
CA PRO B 61 -4.44 -21.30 11.50
C PRO B 61 -5.77 -20.71 10.97
N ASP B 62 -6.83 -20.70 11.78
CA ASP B 62 -8.15 -20.20 11.31
C ASP B 62 -8.11 -18.74 10.91
N THR B 63 -7.14 -18.03 11.49
CA THR B 63 -6.94 -16.64 11.28
C THR B 63 -6.69 -16.31 9.81
N VAL B 64 -6.01 -17.18 9.08
CA VAL B 64 -5.60 -16.84 7.71
C VAL B 64 -6.07 -17.82 6.65
N LYS B 65 -6.58 -18.95 7.10
CA LYS B 65 -7.01 -19.99 6.19
C LYS B 65 -8.02 -19.43 5.21
N GLY B 66 -7.90 -19.83 3.95
CA GLY B 66 -8.73 -19.29 2.86
C GLY B 66 -8.09 -18.11 2.16
N ARG B 67 -7.27 -17.36 2.89
CA ARG B 67 -6.62 -16.14 2.37
C ARG B 67 -5.11 -16.27 2.06
N PHE B 68 -4.42 -17.14 2.78
CA PHE B 68 -2.96 -17.31 2.65
C PHE B 68 -2.61 -18.61 1.97
N THR B 69 -1.62 -18.58 1.10
CA THR B 69 -1.13 -19.79 0.46
C THR B 69 0.40 -19.88 0.55
N ILE B 70 0.88 -20.88 1.30
CA ILE B 70 2.29 -21.21 1.34
C ILE B 70 2.65 -22.23 0.26
N SER B 71 3.71 -21.94 -0.49
CA SER B 71 4.26 -22.85 -1.49
C SER B 71 5.78 -22.84 -1.48
N ARG B 72 6.37 -23.90 -2.01
CA ARG B 72 7.82 -24.02 -2.14
C ARG B 72 8.22 -24.60 -3.49
N ASP B 73 9.25 -23.99 -4.08
CA ASP B 73 9.96 -24.50 -5.27
C ASP B 73 11.24 -25.20 -4.78
N ASN B 74 11.21 -26.51 -4.66
CA ASN B 74 12.38 -27.24 -4.17
C ASN B 74 13.59 -27.21 -5.13
N ALA B 75 13.32 -26.96 -6.40
CA ALA B 75 14.38 -26.85 -7.36
C ALA B 75 15.18 -25.55 -7.14
N GLN B 76 14.49 -24.45 -6.83
CA GLN B 76 15.14 -23.14 -6.74
C GLN B 76 15.35 -22.69 -5.28
N ASN B 77 15.40 -23.64 -4.36
CA ASN B 77 15.65 -23.30 -2.97
C ASN B 77 14.80 -22.08 -2.45
N THR B 78 13.52 -22.00 -2.86
CA THR B 78 12.66 -20.84 -2.56
C THR B 78 11.28 -21.20 -1.90
N LEU B 79 10.94 -20.44 -0.86
CA LEU B 79 9.66 -20.55 -0.16
C LEU B 79 8.84 -19.31 -0.45
N TYR B 80 7.53 -19.47 -0.62
CA TYR B 80 6.65 -18.33 -0.88
C TYR B 80 5.48 -18.22 0.11
N LEU B 81 4.97 -17.02 0.30
CA LEU B 81 3.65 -16.85 0.95
C LEU B 81 2.81 -15.91 0.09
N GLN B 82 1.72 -16.43 -0.47
CA GLN B 82 0.77 -15.65 -1.24
C GLN B 82 -0.31 -15.16 -0.27
N MET B 83 -0.57 -13.86 -0.27
CA MET B 83 -1.52 -13.29 0.67
C MET B 83 -2.61 -12.54 -0.07
N SER B 84 -3.84 -12.61 0.45
CA SER B 84 -5.08 -12.11 -0.21
C SER B 84 -6.03 -11.49 0.80
N SER B 85 -6.99 -10.71 0.32
CA SER B 85 -8.02 -10.09 1.16
C SER B 85 -7.40 -9.53 2.45
N LEU B 86 -6.37 -8.72 2.31
CA LEU B 86 -5.60 -8.31 3.46
C LEU B 86 -6.41 -7.44 4.45
N LYS B 87 -6.52 -7.92 5.68
CA LYS B 87 -7.02 -7.13 6.81
C LYS B 87 -5.89 -6.31 7.39
N SER B 88 -6.20 -5.39 8.29
CA SER B 88 -5.19 -4.56 8.96
C SER B 88 -4.43 -5.39 9.97
N GLU B 89 -5.13 -6.35 10.57
CA GLU B 89 -4.54 -7.32 11.49
C GLU B 89 -3.33 -8.05 10.88
N ASP B 90 -3.31 -8.20 9.56
CA ASP B 90 -2.22 -8.88 8.88
C ASP B 90 -0.91 -8.09 8.88
N THR B 91 -0.96 -6.82 9.28
CA THR B 91 0.22 -5.97 9.36
C THR B 91 1.18 -6.52 10.42
N ALA B 92 2.42 -6.75 10.01
CA ALA B 92 3.37 -7.51 10.82
C ALA B 92 4.69 -7.65 10.10
N LEU B 93 5.71 -8.04 10.87
CA LEU B 93 6.98 -8.46 10.31
C LEU B 93 6.85 -9.96 10.05
N TYR B 94 7.10 -10.39 8.82
CA TYR B 94 6.89 -11.78 8.44
C TYR B 94 8.21 -12.54 8.38
N TYR B 95 8.37 -13.54 9.24
CA TYR B 95 9.60 -14.33 9.30
C TYR B 95 9.42 -15.65 8.61
N CYS B 96 10.46 -16.02 7.89
CA CYS B 96 10.59 -17.29 7.24
C CYS B 96 11.39 -18.13 8.20
N ALA B 97 10.93 -19.35 8.43
CA ALA B 97 11.50 -20.17 9.50
C ALA B 97 11.67 -21.61 9.08
N ARG B 98 12.67 -22.28 9.64
CA ARG B 98 12.89 -23.69 9.37
C ARG B 98 12.55 -24.55 10.59
N ARG B 99 11.94 -25.72 10.37
CA ARG B 99 11.67 -26.68 11.46
C ARG B 99 12.85 -27.62 11.58
N ASP B 100 13.21 -27.99 12.80
CA ASP B 100 14.15 -29.08 12.98
C ASP B 100 13.72 -30.36 12.24
N SER B 101 14.64 -31.28 12.11
CA SER B 101 14.41 -32.53 11.35
C SER B 101 14.26 -33.72 12.28
N SER B 102 14.37 -33.49 13.59
CA SER B 102 14.21 -34.52 14.59
C SER B 102 12.78 -34.58 15.16
N ALA B 103 11.81 -33.95 14.51
CA ALA B 103 10.41 -33.93 15.00
C ALA B 103 10.30 -33.60 16.51
N SER B 104 11.13 -32.68 16.96
CA SER B 104 10.96 -32.04 18.27
C SER B 104 10.11 -30.77 18.09
N LEU B 105 9.60 -30.57 16.88
CA LEU B 105 8.62 -29.52 16.59
C LEU B 105 9.05 -28.13 17.08
N TYR B 106 10.30 -27.76 16.81
CA TYR B 106 10.75 -26.38 17.01
C TYR B 106 11.34 -25.74 15.73
N PHE B 107 11.49 -24.43 15.76
CA PHE B 107 12.06 -23.66 14.66
C PHE B 107 13.52 -23.40 14.88
N ASP B 108 14.38 -23.98 14.06
CA ASP B 108 15.82 -23.84 14.37
C ASP B 108 16.53 -22.65 13.69
N TYR B 109 15.87 -22.03 12.70
CA TYR B 109 16.44 -20.91 11.94
C TYR B 109 15.35 -20.00 11.46
N TRP B 110 15.60 -18.70 11.63
CA TRP B 110 14.72 -17.62 11.28
C TRP B 110 15.48 -16.63 10.42
N GLY B 111 14.85 -16.06 9.42
CA GLY B 111 15.48 -14.98 8.64
C GLY B 111 15.31 -13.67 9.40
N GLN B 112 15.66 -12.56 8.75
CA GLN B 112 15.58 -11.22 9.33
C GLN B 112 14.16 -10.67 9.25
N GLY B 113 13.36 -11.26 8.37
CA GLY B 113 11.98 -10.88 8.19
C GLY B 113 11.77 -9.79 7.15
N THR B 114 10.58 -9.79 6.57
CA THR B 114 10.13 -8.69 5.74
C THR B 114 8.81 -8.15 6.31
N THR B 115 8.55 -6.87 6.09
CA THR B 115 7.44 -6.18 6.73
C THR B 115 6.26 -6.00 5.78
N LEU B 116 5.06 -6.32 6.25
CA LEU B 116 3.87 -6.04 5.48
C LEU B 116 3.11 -4.96 6.22
N THR B 117 2.76 -3.88 5.51
CA THR B 117 1.95 -2.83 6.11
C THR B 117 0.67 -2.64 5.31
N VAL B 118 -0.46 -2.83 5.96
CA VAL B 118 -1.76 -2.77 5.29
C VAL B 118 -2.41 -1.46 5.67
N SER B 119 -2.42 -0.52 4.73
CA SER B 119 -3.03 0.78 4.96
C SER B 119 -3.32 1.55 3.65
N SER B 120 -4.04 2.65 3.80
CA SER B 120 -4.38 3.49 2.67
C SER B 120 -3.32 4.54 2.42
N ALA B 121 -2.33 4.64 3.31
CA ALA B 121 -1.25 5.64 3.17
C ALA B 121 -0.35 5.31 1.98
N THR B 122 0.65 6.15 1.74
CA THR B 122 1.47 6.05 0.54
C THR B 122 2.91 5.80 0.93
N THR B 123 3.59 4.97 0.14
CA THR B 123 5.01 4.70 0.32
C THR B 123 5.76 5.97 0.02
N THR B 124 6.64 6.37 0.93
CA THR B 124 7.37 7.64 0.84
C THR B 124 8.79 7.48 1.30
N ALA B 125 9.72 7.93 0.48
CA ALA B 125 11.13 7.79 0.79
C ALA B 125 11.54 8.78 1.86
N PRO B 126 12.55 8.44 2.67
CA PRO B 126 13.06 9.39 3.66
C PRO B 126 13.90 10.51 3.06
N SER B 127 14.03 11.61 3.79
CA SER B 127 15.09 12.59 3.60
C SER B 127 16.04 12.38 4.76
N VAL B 128 17.33 12.61 4.51
CA VAL B 128 18.34 12.44 5.52
C VAL B 128 19.10 13.74 5.64
N TYR B 129 19.26 14.20 6.87
CA TYR B 129 19.89 15.46 7.10
C TYR B 129 21.03 15.20 8.07
N PRO B 130 22.20 15.85 7.86
CA PRO B 130 23.30 15.57 8.78
C PRO B 130 23.08 16.21 10.15
N LEU B 131 23.63 15.60 11.19
CA LEU B 131 23.64 16.21 12.52
C LEU B 131 25.05 16.59 12.79
N VAL B 132 25.29 17.90 12.82
CA VAL B 132 26.64 18.40 12.93
C VAL B 132 26.70 19.53 13.96
N PRO B 133 27.68 19.46 14.88
CA PRO B 133 27.92 20.55 15.85
C PRO B 133 28.03 21.95 15.23
N GLY B 134 27.65 22.98 16.00
CA GLY B 134 27.89 24.36 15.60
C GLY B 134 27.17 25.40 16.48
N CYS B 135 27.41 26.68 16.17
CA CYS B 135 26.77 27.79 16.86
C CYS B 135 27.04 27.80 18.37
N SER B 136 27.99 26.97 18.80
CA SER B 136 28.29 26.76 20.21
C SER B 136 29.68 26.13 20.36
N ASP B 137 30.21 26.10 21.59
CA ASP B 137 31.54 25.53 21.89
C ASP B 137 31.57 23.99 21.80
N THR B 138 32.21 23.47 20.75
CA THR B 138 32.40 22.02 20.60
C THR B 138 33.89 21.68 20.60
N SER B 139 34.36 21.13 21.74
CA SER B 139 35.78 20.99 22.03
C SER B 139 36.07 19.66 22.72
N GLY B 140 37.31 19.20 22.61
CA GLY B 140 37.85 18.21 23.54
C GLY B 140 37.79 16.75 23.13
N SER B 141 37.65 15.88 24.13
CA SER B 141 38.01 14.46 24.04
C SER B 141 37.27 13.63 22.96
N SER B 142 36.07 14.05 22.55
CA SER B 142 35.31 13.36 21.51
C SER B 142 34.30 14.25 20.80
N VAL B 143 33.81 13.77 19.65
CA VAL B 143 32.83 14.49 18.82
C VAL B 143 31.65 13.56 18.46
N THR B 144 30.44 14.03 18.70
CA THR B 144 29.24 13.23 18.46
C THR B 144 28.60 13.72 17.18
N LEU B 145 28.35 12.80 16.26
CA LEU B 145 27.81 13.14 14.95
C LEU B 145 26.61 12.27 14.69
N GLY B 146 25.78 12.67 13.73
CA GLY B 146 24.62 11.85 13.36
C GLY B 146 23.90 12.17 12.07
N CYS B 147 22.86 11.36 11.83
CA CYS B 147 21.95 11.53 10.70
C CYS B 147 20.52 11.55 11.22
N LEU B 148 19.74 12.49 10.72
CA LEU B 148 18.32 12.59 11.03
C LEU B 148 17.52 12.23 9.79
N VAL B 149 16.63 11.26 9.96
CA VAL B 149 15.92 10.61 8.89
C VAL B 149 14.44 10.85 9.07
N LYS B 150 13.85 11.64 8.20
CA LYS B 150 12.48 12.11 8.37
C LYS B 150 11.60 11.78 7.18
N GLY B 151 10.31 11.71 7.44
CA GLY B 151 9.31 11.78 6.39
C GLY B 151 9.14 10.51 5.58
N TYR B 152 9.40 9.37 6.18
CA TYR B 152 9.27 8.10 5.49
C TYR B 152 8.04 7.29 5.92
N PHE B 153 7.64 6.39 5.05
CA PHE B 153 6.55 5.46 5.31
C PHE B 153 6.59 4.37 4.21
N PRO B 154 6.26 3.12 4.54
CA PRO B 154 6.07 2.52 5.87
C PRO B 154 7.43 2.32 6.53
N GLU B 155 7.45 1.64 7.66
CA GLU B 155 8.73 1.33 8.23
C GLU B 155 9.15 -0.07 7.78
N PRO B 156 10.43 -0.43 7.98
CA PRO B 156 11.49 0.21 8.74
C PRO B 156 12.53 0.90 7.88
N VAL B 157 13.41 1.67 8.52
CA VAL B 157 14.68 2.02 7.88
C VAL B 157 15.86 1.46 8.63
N THR B 158 16.98 1.31 7.95
CA THR B 158 18.23 0.94 8.62
C THR B 158 19.26 1.99 8.36
N VAL B 159 20.07 2.21 9.37
CA VAL B 159 21.17 3.13 9.27
C VAL B 159 22.43 2.36 9.57
N LYS B 160 23.43 2.55 8.72
CA LYS B 160 24.77 2.05 8.97
C LYS B 160 25.77 3.21 8.88
N TRP B 161 26.97 3.00 9.40
CA TRP B 161 28.05 3.98 9.27
C TRP B 161 29.26 3.34 8.60
N ASN B 162 29.79 4.04 7.59
CA ASN B 162 30.90 3.55 6.78
C ASN B 162 30.68 2.12 6.30
N TYR B 163 29.50 1.88 5.71
CA TYR B 163 29.13 0.57 5.16
C TYR B 163 29.33 -0.57 6.17
N GLY B 164 29.14 -0.27 7.45
CA GLY B 164 29.26 -1.27 8.50
C GLY B 164 30.55 -1.19 9.31
N ALA B 165 31.58 -0.56 8.74
CA ALA B 165 32.91 -0.51 9.38
C ALA B 165 32.90 0.18 10.76
N LEU B 166 32.05 1.20 10.88
CA LEU B 166 31.88 1.95 12.11
C LEU B 166 30.65 1.43 12.85
N SER B 167 30.91 0.55 13.81
CA SER B 167 29.88 -0.14 14.58
C SER B 167 29.86 0.35 16.04
N SER B 168 30.99 0.90 16.50
CA SER B 168 31.25 1.07 17.92
C SER B 168 30.84 2.45 18.39
N GLY B 169 30.05 2.49 19.47
CA GLY B 169 29.51 3.75 19.99
C GLY B 169 28.20 4.24 19.36
N VAL B 170 27.86 3.71 18.17
CA VAL B 170 26.63 4.04 17.42
C VAL B 170 25.34 3.86 18.24
N ARG B 171 24.50 4.91 18.26
CA ARG B 171 23.19 4.83 18.91
C ARG B 171 22.11 5.18 17.90
N THR B 172 21.11 4.32 17.78
CA THR B 172 20.04 4.54 16.81
C THR B 172 18.71 4.38 17.52
N VAL B 173 18.00 5.49 17.62
CA VAL B 173 16.79 5.54 18.43
C VAL B 173 15.65 4.91 17.66
N SER B 174 14.65 4.43 18.39
CA SER B 174 13.45 3.92 17.75
C SER B 174 12.83 5.00 16.89
N SER B 175 12.10 4.55 15.89
CA SER B 175 11.39 5.42 14.99
C SER B 175 10.10 5.92 15.68
N VAL B 176 9.71 7.17 15.42
CA VAL B 176 8.49 7.72 15.94
C VAL B 176 7.49 8.17 14.85
N LEU B 177 6.21 7.88 15.08
CA LEU B 177 5.14 8.13 14.12
C LEU B 177 4.43 9.44 14.41
N GLN B 178 4.34 10.31 13.41
CA GLN B 178 3.75 11.63 13.60
C GLN B 178 3.09 12.08 12.28
N SER B 179 1.79 12.34 12.34
CA SER B 179 1.01 12.76 11.16
C SER B 179 1.33 11.83 10.00
N GLY B 180 1.28 10.53 10.26
CA GLY B 180 1.41 9.53 9.21
C GLY B 180 2.80 9.28 8.66
N PHE B 181 3.81 10.02 9.12
CA PHE B 181 5.22 9.76 8.75
C PHE B 181 6.16 9.39 9.93
N TYR B 182 7.13 8.52 9.63
CA TYR B 182 8.09 8.10 10.64
C TYR B 182 9.34 8.96 10.60
N SER B 183 10.00 9.07 11.74
CA SER B 183 11.31 9.63 11.75
C SER B 183 12.18 8.97 12.80
N LEU B 184 13.49 9.05 12.59
CA LEU B 184 14.46 8.61 13.57
C LEU B 184 15.78 9.33 13.38
N SER B 185 16.72 9.09 14.28
CA SER B 185 18.03 9.64 14.13
C SER B 185 19.09 8.62 14.57
N SER B 186 20.25 8.64 13.94
CA SER B 186 21.34 7.74 14.32
C SER B 186 22.53 8.60 14.62
N LEU B 187 23.24 8.25 15.67
CA LEU B 187 24.38 9.06 16.07
C LEU B 187 25.54 8.18 16.43
N VAL B 188 26.72 8.69 16.15
CA VAL B 188 27.93 8.01 16.54
C VAL B 188 28.87 9.03 17.15
N THR B 189 29.59 8.63 18.18
CA THR B 189 30.60 9.49 18.74
C THR B 189 32.00 8.92 18.45
N VAL B 190 32.93 9.80 18.09
CA VAL B 190 34.29 9.40 17.68
C VAL B 190 35.34 10.38 18.26
N PRO B 191 36.65 10.03 18.20
CA PRO B 191 37.70 10.94 18.66
C PRO B 191 37.80 12.23 17.85
N SER B 192 38.03 13.36 18.54
CA SER B 192 38.08 14.66 17.87
C SER B 192 39.19 14.72 16.82
N SER B 193 40.22 13.93 17.02
CA SER B 193 41.31 13.79 16.05
C SER B 193 40.85 13.25 14.68
N THR B 194 39.85 12.37 14.67
CA THR B 194 39.53 11.62 13.46
C THR B 194 38.47 12.26 12.57
N TRP B 195 37.85 13.35 13.05
CA TRP B 195 36.90 14.10 12.23
C TRP B 195 37.24 15.61 12.33
N PRO B 196 37.24 16.32 11.18
CA PRO B 196 37.03 15.86 9.80
C PRO B 196 38.29 15.31 9.13
N SER B 197 39.23 14.76 9.91
CA SER B 197 40.46 14.18 9.38
C SER B 197 40.21 13.01 8.43
N GLN B 198 39.07 12.36 8.58
CA GLN B 198 38.53 11.47 7.56
C GLN B 198 37.15 12.02 7.17
N THR B 199 36.58 11.51 6.08
CA THR B 199 35.21 11.83 5.70
C THR B 199 34.33 10.75 6.31
N VAL B 200 33.33 11.18 7.08
CA VAL B 200 32.46 10.26 7.83
C VAL B 200 31.07 10.22 7.17
N ILE B 201 30.54 9.01 7.03
CA ILE B 201 29.38 8.76 6.18
C ILE B 201 28.34 7.88 6.86
N CYS B 202 27.07 8.20 6.63
CA CYS B 202 25.97 7.38 7.09
C CYS B 202 25.21 6.79 5.90
N ASN B 203 24.77 5.54 6.08
CA ASN B 203 24.15 4.73 5.04
C ASN B 203 22.69 4.40 5.37
N VAL B 204 21.76 5.00 4.64
CA VAL B 204 20.35 4.88 5.00
C VAL B 204 19.51 4.07 3.99
N ALA B 205 18.95 2.98 4.50
CA ALA B 205 18.15 2.02 3.75
C ALA B 205 16.65 2.07 4.10
N HIS B 206 15.83 2.23 3.07
CA HIS B 206 14.37 2.10 3.17
C HIS B 206 13.82 1.17 2.08
N PRO B 207 13.73 -0.15 2.36
CA PRO B 207 13.44 -1.14 1.31
C PRO B 207 12.13 -0.90 0.54
N ALA B 208 11.04 -0.69 1.26
CA ALA B 208 9.73 -0.47 0.66
C ALA B 208 9.73 0.57 -0.48
N SER B 209 10.54 1.61 -0.37
CA SER B 209 10.67 2.59 -1.46
C SER B 209 11.89 2.30 -2.31
N LYS B 210 12.49 1.12 -2.09
CA LYS B 210 13.69 0.66 -2.79
C LYS B 210 14.72 1.77 -2.83
N THR B 211 14.83 2.43 -1.69
CA THR B 211 15.72 3.56 -1.48
C THR B 211 16.96 3.12 -0.68
N GLU B 212 18.12 3.57 -1.15
CA GLU B 212 19.36 3.48 -0.43
C GLU B 212 20.01 4.84 -0.59
N LEU B 213 20.60 5.35 0.48
CA LEU B 213 21.19 6.68 0.47
C LEU B 213 22.47 6.75 1.30
N ILE B 214 23.34 7.66 0.90
CA ILE B 214 24.57 7.92 1.62
C ILE B 214 24.64 9.41 1.91
N LYS B 215 24.98 9.74 3.15
CA LYS B 215 25.30 11.11 3.52
C LYS B 215 26.68 11.16 4.16
N ARG B 216 27.48 12.14 3.73
CA ARG B 216 28.80 12.39 4.28
C ARG B 216 28.64 13.52 5.26
N ILE B 217 29.21 13.38 6.44
CA ILE B 217 29.08 14.38 7.49
C ILE B 217 30.25 15.38 7.39
N GLU B 218 30.00 16.50 6.73
CA GLU B 218 30.97 17.58 6.67
C GLU B 218 30.73 18.57 7.81
N PRO B 219 31.67 19.50 8.06
CA PRO B 219 31.51 20.52 9.08
C PRO B 219 30.99 21.87 8.57
N ARG B 220 30.96 22.85 9.48
CA ARG B 220 30.53 24.23 9.22
C ARG B 220 29.06 24.29 8.82
N ASP C 1 -16.22 -25.15 -17.05
CA ASP C 1 -16.40 -24.95 -18.52
C ASP C 1 -15.06 -24.59 -19.13
N VAL C 2 -15.06 -24.14 -20.38
CA VAL C 2 -13.81 -23.83 -21.05
C VAL C 2 -13.11 -22.64 -20.39
N VAL C 3 -11.96 -22.90 -19.79
CA VAL C 3 -11.16 -21.85 -19.17
C VAL C 3 -10.17 -21.25 -20.16
N MET C 4 -10.23 -19.94 -20.32
CA MET C 4 -9.37 -19.18 -21.21
C MET C 4 -8.31 -18.44 -20.38
N THR C 5 -7.05 -18.72 -20.68
CA THR C 5 -5.91 -18.23 -19.91
C THR C 5 -5.07 -17.33 -20.82
N GLN C 6 -4.97 -16.04 -20.45
CA GLN C 6 -4.24 -15.06 -21.24
C GLN C 6 -2.84 -14.76 -20.68
N THR C 7 -1.91 -14.51 -21.58
CA THR C 7 -0.52 -14.20 -21.19
C THR C 7 0.10 -13.11 -22.10
N PRO C 8 0.76 -12.10 -21.50
CA PRO C 8 0.92 -11.84 -20.08
C PRO C 8 -0.34 -11.17 -19.56
N LEU C 9 -0.34 -10.81 -18.28
CA LEU C 9 -1.46 -10.09 -17.68
C LEU C 9 -1.31 -8.60 -17.97
N SER C 10 -0.06 -8.15 -18.01
CA SER C 10 0.26 -6.77 -18.37
C SER C 10 1.34 -6.79 -19.43
N LEU C 11 1.23 -5.87 -20.38
CA LEU C 11 2.19 -5.79 -21.49
C LEU C 11 2.51 -4.35 -21.87
N PRO C 12 3.60 -3.80 -21.29
CA PRO C 12 4.06 -2.47 -21.69
C PRO C 12 4.76 -2.49 -23.03
N VAL C 13 4.48 -1.50 -23.88
CA VAL C 13 5.19 -1.35 -25.16
C VAL C 13 5.35 0.09 -25.58
N SER C 14 6.53 0.41 -26.09
CA SER C 14 6.79 1.69 -26.75
C SER C 14 6.04 1.78 -28.07
N LEU C 15 5.70 2.98 -28.47
CA LEU C 15 5.01 3.21 -29.73
C LEU C 15 5.81 2.64 -30.90
N GLY C 16 5.11 2.09 -31.89
CA GLY C 16 5.77 1.58 -33.09
C GLY C 16 6.29 0.16 -32.97
N ASP C 17 6.70 -0.25 -31.76
CA ASP C 17 7.14 -1.62 -31.52
C ASP C 17 5.94 -2.55 -31.59
N GLN C 18 6.19 -3.84 -31.43
CA GLN C 18 5.15 -4.85 -31.61
C GLN C 18 4.83 -5.57 -30.31
N ALA C 19 3.62 -6.11 -30.25
CA ALA C 19 3.10 -6.76 -29.06
C ALA C 19 2.47 -8.06 -29.48
N SER C 20 2.61 -9.06 -28.61
CA SER C 20 2.04 -10.36 -28.87
C SER C 20 1.50 -10.90 -27.57
N ILE C 21 0.23 -11.35 -27.65
CA ILE C 21 -0.56 -11.73 -26.53
C ILE C 21 -1.12 -13.14 -26.75
N SER C 22 -0.99 -13.99 -25.74
CA SER C 22 -1.38 -15.41 -25.86
C SER C 22 -2.69 -15.73 -25.15
N CYS C 23 -3.51 -16.59 -25.77
CA CYS C 23 -4.76 -17.08 -25.17
C CYS C 23 -4.88 -18.59 -25.38
N ARG C 24 -5.02 -19.35 -24.29
CA ARG C 24 -5.04 -20.82 -24.37
C ARG C 24 -6.30 -21.41 -23.74
N SER C 25 -6.84 -22.44 -24.41
CA SER C 25 -8.13 -23.02 -24.02
C SER C 25 -7.96 -24.39 -23.37
N SER C 26 -8.73 -24.61 -22.30
CA SER C 26 -8.71 -25.87 -21.57
C SER C 26 -9.23 -27.03 -22.45
N GLN C 27 -10.20 -26.77 -23.31
CA GLN C 27 -10.66 -27.75 -24.30
C GLN C 27 -10.48 -27.22 -25.72
N SER C 28 -10.40 -28.09 -26.72
CA SER C 28 -10.25 -27.65 -28.11
C SER C 28 -11.37 -26.73 -28.55
N LEU C 29 -11.00 -25.61 -29.15
CA LEU C 29 -12.00 -24.70 -29.68
C LEU C 29 -12.39 -25.06 -31.09
N VAL C 30 -11.87 -26.18 -31.59
CA VAL C 30 -12.32 -26.72 -32.86
C VAL C 30 -13.69 -27.38 -32.66
N HIS C 31 -14.64 -26.98 -33.50
CA HIS C 31 -15.97 -27.56 -33.49
C HIS C 31 -16.01 -28.70 -34.50
N SER C 32 -16.80 -29.73 -34.19
CA SER C 32 -17.00 -30.83 -35.11
C SER C 32 -17.37 -30.31 -36.51
N ASN C 33 -18.19 -29.28 -36.56
CA ASN C 33 -18.58 -28.63 -37.82
C ASN C 33 -17.43 -27.96 -38.59
N GLY C 34 -16.21 -28.04 -38.06
CA GLY C 34 -14.99 -27.59 -38.76
C GLY C 34 -14.43 -26.26 -38.28
N ASN C 35 -15.31 -25.31 -37.95
CA ASN C 35 -14.89 -23.96 -37.56
C ASN C 35 -14.27 -23.93 -36.15
N THR C 36 -13.35 -23.01 -35.94
CA THR C 36 -12.76 -22.74 -34.61
C THR C 36 -13.24 -21.37 -34.12
N TYR C 37 -14.07 -21.36 -33.09
CA TYR C 37 -14.78 -20.13 -32.68
C TYR C 37 -14.08 -19.31 -31.58
N LEU C 38 -12.88 -18.82 -31.90
CA LEU C 38 -12.04 -18.01 -31.02
C LEU C 38 -11.99 -16.55 -31.52
N HIS C 39 -12.35 -15.61 -30.65
CA HIS C 39 -12.49 -14.20 -31.02
C HIS C 39 -11.63 -13.29 -30.13
N TRP C 40 -11.25 -12.12 -30.65
CA TRP C 40 -10.56 -11.08 -29.87
C TRP C 40 -11.37 -9.80 -29.87
N TYR C 41 -11.43 -9.17 -28.70
CA TYR C 41 -12.08 -7.89 -28.47
C TYR C 41 -11.08 -6.98 -27.75
N LEU C 42 -11.22 -5.69 -28.01
CA LEU C 42 -10.50 -4.68 -27.27
C LEU C 42 -11.52 -3.85 -26.47
N GLN C 43 -11.16 -3.54 -25.23
CA GLN C 43 -11.92 -2.57 -24.39
C GLN C 43 -11.06 -1.38 -24.04
N LYS C 44 -11.39 -0.21 -24.57
CA LYS C 44 -10.64 0.99 -24.25
C LYS C 44 -11.16 1.45 -22.87
N PRO C 45 -10.29 2.12 -22.06
CA PRO C 45 -10.81 2.63 -20.78
C PRO C 45 -11.95 3.61 -21.00
N GLY C 46 -12.99 3.49 -20.17
CA GLY C 46 -14.19 4.25 -20.33
C GLY C 46 -15.23 3.56 -21.20
N GLN C 47 -14.83 2.56 -21.98
CA GLN C 47 -15.72 2.06 -23.03
C GLN C 47 -16.14 0.60 -22.87
N SER C 48 -17.07 0.19 -23.72
CA SER C 48 -17.44 -1.19 -23.86
C SER C 48 -16.41 -1.92 -24.69
N PRO C 49 -16.42 -3.25 -24.61
CA PRO C 49 -15.56 -4.00 -25.49
C PRO C 49 -15.98 -3.82 -26.95
N LYS C 50 -14.99 -3.80 -27.86
CA LYS C 50 -15.24 -3.91 -29.31
C LYS C 50 -14.46 -5.08 -29.92
N LEU C 51 -15.12 -5.79 -30.83
CA LEU C 51 -14.52 -6.87 -31.60
C LEU C 51 -13.37 -6.38 -32.46
N LEU C 52 -12.27 -7.12 -32.45
CA LEU C 52 -11.19 -6.91 -33.39
C LEU C 52 -11.17 -8.07 -34.40
N ILE C 53 -11.04 -9.28 -33.86
CA ILE C 53 -10.84 -10.45 -34.70
C ILE C 53 -11.83 -11.51 -34.32
N TYR C 54 -12.34 -12.21 -35.34
CA TYR C 54 -13.23 -13.35 -35.15
C TYR C 54 -12.68 -14.57 -35.90
N LYS C 55 -13.13 -15.74 -35.46
CA LYS C 55 -12.62 -17.03 -35.88
C LYS C 55 -11.13 -17.03 -36.16
N VAL C 56 -10.35 -16.69 -35.15
CA VAL C 56 -8.89 -16.89 -35.14
C VAL C 56 -8.08 -15.82 -35.89
N ALA C 57 -8.51 -15.44 -37.08
CA ALA C 57 -7.69 -14.58 -37.94
C ALA C 57 -8.41 -13.51 -38.78
N ASN C 58 -9.73 -13.62 -38.94
CA ASN C 58 -10.48 -12.66 -39.75
C ASN C 58 -10.67 -11.35 -39.03
N ARG C 59 -10.32 -10.25 -39.69
CA ARG C 59 -10.43 -8.94 -39.07
C ARG C 59 -11.81 -8.31 -39.26
N PHE C 60 -12.42 -7.89 -38.15
CA PHE C 60 -13.73 -7.22 -38.16
C PHE C 60 -13.65 -5.91 -38.95
N SER C 61 -14.78 -5.46 -39.49
CA SER C 61 -14.78 -4.33 -40.43
C SER C 61 -14.50 -3.02 -39.69
N GLY C 62 -13.41 -2.36 -40.07
CA GLY C 62 -12.94 -1.13 -39.42
C GLY C 62 -11.56 -1.33 -38.86
N VAL C 63 -11.22 -2.59 -38.60
CA VAL C 63 -10.00 -2.93 -37.86
C VAL C 63 -8.79 -2.97 -38.80
N PRO C 64 -7.84 -2.04 -38.61
CA PRO C 64 -6.64 -2.01 -39.47
C PRO C 64 -5.82 -3.30 -39.44
N ASP C 65 -5.04 -3.51 -40.50
CA ASP C 65 -4.29 -4.75 -40.69
C ASP C 65 -3.04 -4.89 -39.80
N ARG C 66 -2.79 -3.89 -38.97
CA ARG C 66 -1.80 -3.98 -37.88
C ARG C 66 -2.11 -5.16 -36.95
N PHE C 67 -3.41 -5.47 -36.80
CA PHE C 67 -3.86 -6.54 -35.90
C PHE C 67 -4.00 -7.83 -36.67
N SER C 68 -3.30 -8.88 -36.23
CA SER C 68 -3.40 -10.21 -36.84
C SER C 68 -3.45 -11.32 -35.79
N GLY C 69 -4.43 -12.21 -35.95
CA GLY C 69 -4.60 -13.32 -35.04
C GLY C 69 -4.18 -14.61 -35.74
N SER C 70 -3.56 -15.51 -34.98
CA SER C 70 -3.17 -16.84 -35.45
C SER C 70 -3.31 -17.91 -34.37
N GLY C 71 -3.36 -19.16 -34.78
CA GLY C 71 -3.28 -20.28 -33.86
C GLY C 71 -4.14 -21.44 -34.34
N SER C 72 -4.17 -22.48 -33.54
CA SER C 72 -4.95 -23.65 -33.88
C SER C 72 -5.20 -24.45 -32.64
N GLY C 73 -6.43 -24.91 -32.50
CA GLY C 73 -6.75 -25.90 -31.48
C GLY C 73 -6.92 -25.34 -30.09
N THR C 74 -5.82 -25.25 -29.35
CA THR C 74 -5.84 -24.83 -27.93
C THR C 74 -4.93 -23.63 -27.65
N ASP C 75 -4.21 -23.17 -28.68
CA ASP C 75 -3.21 -22.09 -28.54
C ASP C 75 -3.44 -21.03 -29.60
N PHE C 76 -3.41 -19.78 -29.17
CA PHE C 76 -3.80 -18.64 -30.00
C PHE C 76 -3.06 -17.39 -29.58
N THR C 77 -2.61 -16.60 -30.56
CA THR C 77 -1.92 -15.35 -30.26
C THR C 77 -2.49 -14.24 -31.12
N LEU C 78 -2.42 -13.03 -30.59
CA LEU C 78 -2.85 -11.82 -31.27
C LEU C 78 -1.62 -10.95 -31.37
N LYS C 79 -1.44 -10.35 -32.55
CA LYS C 79 -0.23 -9.60 -32.86
C LYS C 79 -0.59 -8.22 -33.38
N ILE C 80 0.13 -7.23 -32.86
CA ILE C 80 -0.01 -5.85 -33.29
C ILE C 80 1.37 -5.43 -33.71
N SER C 81 1.56 -5.28 -35.03
CA SER C 81 2.87 -5.07 -35.63
C SER C 81 3.51 -3.75 -35.18
N ARG C 82 2.72 -2.69 -35.17
CA ARG C 82 3.18 -1.36 -34.72
C ARG C 82 2.11 -0.76 -33.82
N VAL C 83 2.49 -0.49 -32.57
CA VAL C 83 1.55 -0.04 -31.57
C VAL C 83 1.36 1.47 -31.66
N GLU C 84 0.14 1.91 -31.95
CA GLU C 84 -0.26 3.30 -31.78
C GLU C 84 -0.77 3.58 -30.36
N ALA C 85 -0.81 4.86 -30.02
CA ALA C 85 -1.20 5.31 -28.70
C ALA C 85 -2.66 4.94 -28.40
N GLU C 86 -3.53 5.13 -29.39
CA GLU C 86 -4.96 4.85 -29.27
C GLU C 86 -5.30 3.37 -29.19
N ASP C 87 -4.32 2.50 -29.09
CA ASP C 87 -4.56 1.06 -28.91
C ASP C 87 -4.51 0.60 -27.48
N LEU C 88 -4.15 1.48 -26.56
CA LEU C 88 -4.07 1.07 -25.17
C LEU C 88 -5.46 0.66 -24.72
N GLY C 89 -5.53 -0.36 -23.88
CA GLY C 89 -6.80 -0.87 -23.34
C GLY C 89 -6.63 -2.31 -22.91
N VAL C 90 -7.75 -2.99 -22.64
CA VAL C 90 -7.72 -4.38 -22.30
C VAL C 90 -8.19 -5.24 -23.48
N TYR C 91 -7.39 -6.28 -23.77
CA TYR C 91 -7.62 -7.20 -24.90
C TYR C 91 -8.14 -8.50 -24.39
N PHE C 92 -9.35 -8.85 -24.80
CA PHE C 92 -10.02 -10.09 -24.35
C PHE C 92 -10.19 -11.08 -25.51
N CYS C 93 -9.77 -12.32 -25.27
CA CYS C 93 -10.16 -13.47 -26.07
C CYS C 93 -11.42 -14.12 -25.52
N SER C 94 -12.17 -14.76 -26.41
CA SER C 94 -13.37 -15.53 -26.07
C SER C 94 -13.60 -16.77 -26.96
N GLN C 95 -14.63 -17.56 -26.63
CA GLN C 95 -14.94 -18.75 -27.39
C GLN C 95 -16.42 -19.04 -27.40
N SER C 96 -16.91 -19.43 -28.58
CA SER C 96 -18.30 -19.76 -28.77
C SER C 96 -18.45 -21.22 -29.17
N THR C 97 -17.38 -21.99 -29.06
CA THR C 97 -17.37 -23.37 -29.54
C THR C 97 -18.24 -24.19 -28.63
N HIS C 98 -17.95 -24.12 -27.34
CA HIS C 98 -18.74 -24.80 -26.33
C HIS C 98 -19.67 -23.85 -25.61
N VAL C 99 -20.59 -24.45 -24.87
CA VAL C 99 -21.55 -23.73 -24.12
C VAL C 99 -21.23 -24.04 -22.66
N PRO C 100 -21.21 -23.01 -21.78
CA PRO C 100 -21.42 -21.58 -22.06
C PRO C 100 -20.20 -20.96 -22.73
N TRP C 101 -20.43 -19.92 -23.52
CA TRP C 101 -19.32 -19.16 -24.10
C TRP C 101 -18.56 -18.51 -22.96
N THR C 102 -17.24 -18.52 -23.06
CA THR C 102 -16.41 -17.98 -22.00
C THR C 102 -15.46 -16.96 -22.57
N PHE C 103 -14.82 -16.20 -21.66
CA PHE C 103 -13.91 -15.13 -21.99
C PHE C 103 -12.63 -15.32 -21.22
N GLY C 104 -11.52 -14.88 -21.78
CA GLY C 104 -10.27 -14.82 -21.04
C GLY C 104 -10.34 -13.62 -20.13
N GLY C 105 -9.43 -13.56 -19.15
CA GLY C 105 -9.42 -12.49 -18.13
C GLY C 105 -8.74 -11.19 -18.53
N GLY C 106 -8.41 -11.05 -19.81
CA GLY C 106 -7.86 -9.82 -20.36
C GLY C 106 -6.35 -9.67 -20.25
N THR C 107 -5.77 -8.99 -21.23
CA THR C 107 -4.36 -8.57 -21.14
C THR C 107 -4.41 -7.07 -21.31
N LYS C 108 -3.76 -6.37 -20.40
CA LYS C 108 -3.76 -4.92 -20.43
C LYS C 108 -2.53 -4.37 -21.17
N LEU C 109 -2.79 -3.63 -22.25
CA LEU C 109 -1.72 -3.03 -23.07
C LEU C 109 -1.41 -1.62 -22.60
N GLU C 110 -0.20 -1.40 -22.14
CA GLU C 110 0.24 -0.11 -21.62
C GLU C 110 1.31 0.50 -22.53
N ILE C 111 1.28 1.82 -22.68
CA ILE C 111 2.26 2.50 -23.52
C ILE C 111 3.48 2.99 -22.75
N LYS C 112 4.65 2.85 -23.39
CA LYS C 112 5.91 3.36 -22.89
C LYS C 112 6.25 4.57 -23.74
N ARG C 113 7.03 5.46 -23.16
CA ARG C 113 6.98 6.84 -23.52
C ARG C 113 8.20 7.47 -22.92
N ALA C 114 8.52 8.66 -23.41
CA ALA C 114 9.59 9.41 -22.78
C ALA C 114 9.05 10.05 -21.51
N ASP C 115 9.90 10.10 -20.48
CA ASP C 115 9.62 10.88 -19.29
C ASP C 115 9.00 12.22 -19.63
N ALA C 116 8.08 12.65 -18.79
CA ALA C 116 7.49 14.00 -18.84
C ALA C 116 7.13 14.43 -17.43
N ALA C 117 7.36 15.70 -17.15
CA ALA C 117 7.16 16.24 -15.82
C ALA C 117 5.73 16.80 -15.66
N PRO C 118 5.18 16.69 -14.45
CA PRO C 118 3.82 17.12 -14.22
C PRO C 118 3.71 18.63 -14.15
N THR C 119 2.56 19.14 -14.55
CA THR C 119 2.11 20.49 -14.24
C THR C 119 1.19 20.38 -13.01
N VAL C 120 1.56 21.09 -11.94
CA VAL C 120 0.82 21.02 -10.65
C VAL C 120 -0.09 22.21 -10.39
N SER C 121 -1.32 21.94 -9.97
CA SER C 121 -2.25 22.96 -9.46
C SER C 121 -2.67 22.61 -8.07
N ILE C 122 -2.96 23.61 -7.27
CA ILE C 122 -3.47 23.37 -5.95
C ILE C 122 -4.78 24.17 -5.85
N PHE C 123 -5.74 23.62 -5.10
CA PHE C 123 -7.11 24.13 -5.02
C PHE C 123 -7.57 24.14 -3.58
N PRO C 124 -7.83 25.33 -3.02
CA PRO C 124 -8.41 25.44 -1.69
C PRO C 124 -9.82 24.89 -1.68
N PRO C 125 -10.34 24.59 -0.48
CA PRO C 125 -11.74 24.22 -0.35
C PRO C 125 -12.70 25.24 -0.95
N SER C 126 -13.87 24.79 -1.36
CA SER C 126 -14.92 25.68 -1.80
C SER C 126 -15.71 26.21 -0.58
N SER C 127 -16.29 27.40 -0.74
CA SER C 127 -17.28 27.94 0.24
C SER C 127 -18.41 26.95 0.59
N GLU C 128 -18.93 26.32 -0.46
CA GLU C 128 -19.99 25.35 -0.38
C GLU C 128 -19.63 24.27 0.60
N GLN C 129 -18.41 23.75 0.49
CA GLN C 129 -18.01 22.61 1.28
C GLN C 129 -17.85 23.05 2.70
N LEU C 130 -17.23 24.21 2.87
CA LEU C 130 -17.00 24.78 4.18
C LEU C 130 -18.30 25.01 4.90
N THR C 131 -19.26 25.66 4.24
CA THR C 131 -20.56 25.94 4.85
C THR C 131 -21.13 24.69 5.51
N SER C 132 -20.89 23.53 4.91
CA SER C 132 -21.39 22.28 5.44
C SER C 132 -20.36 21.47 6.30
N GLY C 133 -19.25 22.08 6.68
CA GLY C 133 -18.39 21.53 7.72
C GLY C 133 -17.14 20.72 7.32
N GLY C 134 -16.98 20.40 6.05
CA GLY C 134 -15.77 19.75 5.57
C GLY C 134 -14.87 20.71 4.83
N ALA C 135 -13.65 20.28 4.57
CA ALA C 135 -12.70 21.06 3.78
C ALA C 135 -11.73 20.11 3.08
N SER C 136 -11.93 19.89 1.77
CA SER C 136 -10.98 19.07 1.01
C SER C 136 -10.03 19.98 0.29
N VAL C 137 -8.71 19.77 0.42
CA VAL C 137 -7.69 20.52 -0.33
C VAL C 137 -7.17 19.59 -1.45
N VAL C 138 -7.15 20.07 -2.70
CA VAL C 138 -6.80 19.20 -3.82
C VAL C 138 -5.50 19.67 -4.45
N CYS C 139 -4.61 18.73 -4.70
CA CYS C 139 -3.40 18.97 -5.47
C CYS C 139 -3.52 18.15 -6.75
N PHE C 140 -3.45 18.80 -7.91
CA PHE C 140 -3.64 18.07 -9.18
C PHE C 140 -2.36 18.03 -10.01
N LEU C 141 -1.94 16.83 -10.42
CA LEU C 141 -0.71 16.69 -11.19
C LEU C 141 -1.04 16.25 -12.58
N ASN C 142 -0.75 17.10 -13.54
CA ASN C 142 -1.24 16.88 -14.91
C ASN C 142 -0.18 16.46 -15.93
N ASN C 143 -0.47 15.41 -16.69
CA ASN C 143 0.25 15.10 -17.92
C ASN C 143 1.72 14.81 -17.70
N PHE C 144 1.96 13.74 -16.94
CA PHE C 144 3.30 13.30 -16.64
C PHE C 144 3.48 11.86 -17.03
N TYR C 145 4.73 11.42 -16.98
CA TYR C 145 5.11 10.03 -17.21
C TYR C 145 6.50 9.81 -16.60
N PRO C 146 6.73 8.66 -15.96
CA PRO C 146 5.82 7.52 -15.74
C PRO C 146 4.78 7.68 -14.62
N LYS C 147 3.96 6.66 -14.50
CA LYS C 147 2.85 6.67 -13.57
C LYS C 147 3.25 6.95 -12.14
N ASP C 148 4.26 6.27 -11.64
CA ASP C 148 4.76 6.44 -10.28
C ASP C 148 5.05 7.91 -10.04
N ILE C 149 4.40 8.48 -9.02
CA ILE C 149 4.68 9.86 -8.62
C ILE C 149 4.22 9.96 -7.16
N ASN C 150 4.75 10.91 -6.40
CA ASN C 150 4.02 11.23 -5.19
C ASN C 150 4.06 12.66 -4.74
N VAL C 151 3.09 12.94 -3.89
CA VAL C 151 2.80 14.22 -3.37
C VAL C 151 2.92 14.21 -1.86
N LYS C 152 3.71 15.12 -1.31
CA LYS C 152 3.79 15.30 0.14
C LYS C 152 3.01 16.55 0.52
N TRP C 153 2.14 16.43 1.49
CA TRP C 153 1.38 17.56 1.98
C TRP C 153 2.03 18.20 3.22
N LYS C 154 2.23 19.51 3.20
CA LYS C 154 2.62 20.26 4.41
C LYS C 154 1.57 21.33 4.79
N ILE C 155 1.32 21.44 6.09
CA ILE C 155 0.42 22.43 6.70
C ILE C 155 1.18 23.27 7.76
N ASP C 156 1.27 24.57 7.52
CA ASP C 156 2.10 25.44 8.34
C ASP C 156 3.45 24.77 8.49
N GLY C 157 4.00 24.35 7.36
CA GLY C 157 5.35 23.83 7.33
C GLY C 157 5.56 22.34 7.53
N SER C 158 4.63 21.64 8.18
CA SER C 158 4.88 20.24 8.55
C SER C 158 4.06 19.24 7.76
N GLU C 159 4.76 18.20 7.32
CA GLU C 159 4.25 17.15 6.48
C GLU C 159 3.15 16.38 7.17
N ARG C 160 2.33 15.73 6.35
CA ARG C 160 1.08 15.16 6.80
C ARG C 160 0.60 14.13 5.79
N GLN C 161 0.20 12.95 6.25
CA GLN C 161 -0.58 12.09 5.36
C GLN C 161 -1.71 11.32 6.01
N ASN C 162 -1.92 11.48 7.30
CA ASN C 162 -3.20 11.08 7.84
C ASN C 162 -4.32 11.83 7.03
N GLY C 163 -5.32 11.12 6.48
CA GLY C 163 -6.41 11.76 5.71
C GLY C 163 -6.11 12.22 4.24
N VAL C 164 -5.10 11.63 3.59
CA VAL C 164 -4.91 11.91 2.14
C VAL C 164 -5.13 10.67 1.28
N LEU C 165 -5.79 10.87 0.15
CA LEU C 165 -5.98 9.80 -0.84
C LEU C 165 -5.57 10.28 -2.24
N ASN C 166 -5.01 9.36 -3.01
CA ASN C 166 -4.47 9.63 -4.33
C ASN C 166 -5.15 8.80 -5.38
N SER C 167 -5.38 9.39 -6.55
CA SER C 167 -5.97 8.65 -7.62
C SER C 167 -5.49 9.11 -9.03
N TRP C 168 -5.45 8.16 -9.95
CA TRP C 168 -4.88 8.41 -11.27
C TRP C 168 -5.95 8.31 -12.33
N THR C 169 -5.79 9.10 -13.37
CA THR C 169 -6.48 8.79 -14.62
C THR C 169 -5.93 7.53 -15.26
N ASP C 170 -6.68 6.97 -16.21
CA ASP C 170 -6.11 6.01 -17.16
C ASP C 170 -5.14 6.73 -18.08
N GLN C 171 -4.21 5.99 -18.64
CA GLN C 171 -3.26 6.59 -19.60
C GLN C 171 -4.06 7.33 -20.69
N ASP C 172 -3.62 8.54 -21.04
CA ASP C 172 -4.24 9.29 -22.11
C ASP C 172 -4.08 8.54 -23.46
N SER C 173 -5.13 8.59 -24.28
CA SER C 173 -5.17 7.83 -25.52
C SER C 173 -4.24 8.40 -26.58
N LYS C 174 -3.86 9.68 -26.45
CA LYS C 174 -3.08 10.41 -27.47
C LYS C 174 -1.62 10.66 -27.06
N ASP C 175 -1.44 11.15 -25.84
CA ASP C 175 -0.13 11.59 -25.38
C ASP C 175 0.54 10.48 -24.60
N SER C 176 -0.20 9.42 -24.32
CA SER C 176 0.23 8.36 -23.41
C SER C 176 0.66 8.80 -21.97
N THR C 177 0.21 9.98 -21.55
CA THR C 177 0.51 10.52 -20.20
C THR C 177 -0.51 10.04 -19.13
N TYR C 178 -0.22 10.38 -17.88
CA TYR C 178 -1.13 10.13 -16.75
C TYR C 178 -1.42 11.46 -16.11
N SER C 179 -2.53 11.54 -15.38
CA SER C 179 -2.72 12.63 -14.43
C SER C 179 -3.16 12.03 -13.11
N MET C 180 -3.07 12.81 -12.05
CA MET C 180 -3.52 12.31 -10.79
C MET C 180 -3.86 13.42 -9.82
N SER C 181 -4.76 13.11 -8.89
CA SER C 181 -5.03 14.03 -7.78
C SER C 181 -4.78 13.42 -6.39
N SER C 182 -4.30 14.29 -5.52
CA SER C 182 -4.10 14.02 -4.12
C SER C 182 -5.06 14.93 -3.39
N THR C 183 -5.86 14.35 -2.48
CA THR C 183 -6.87 15.06 -1.73
C THR C 183 -6.64 14.88 -0.26
N LEU C 184 -6.47 16.02 0.39
CA LEU C 184 -6.29 16.10 1.83
C LEU C 184 -7.66 16.47 2.36
N THR C 185 -8.29 15.55 3.07
CA THR C 185 -9.59 15.81 3.66
C THR C 185 -9.52 16.13 5.16
N LEU C 186 -9.98 17.31 5.52
CA LEU C 186 -10.07 17.77 6.91
C LEU C 186 -11.48 18.19 7.27
N THR C 187 -11.69 18.47 8.55
CA THR C 187 -12.89 19.15 8.98
C THR C 187 -12.67 20.64 8.77
N LYS C 188 -13.76 21.39 8.59
CA LYS C 188 -13.64 22.83 8.49
C LYS C 188 -12.86 23.37 9.67
N ASP C 189 -13.24 22.95 10.89
CA ASP C 189 -12.57 23.50 12.08
C ASP C 189 -11.02 23.30 12.02
N GLU C 190 -10.56 22.07 11.76
CA GLU C 190 -9.12 21.79 11.59
C GLU C 190 -8.48 22.64 10.46
N TYR C 191 -9.21 22.84 9.38
CA TYR C 191 -8.70 23.59 8.25
C TYR C 191 -8.42 25.02 8.63
N GLU C 192 -9.29 25.60 9.45
CA GLU C 192 -9.16 27.02 9.78
C GLU C 192 -8.19 27.28 10.95
N ARG C 193 -7.70 26.21 11.57
CA ARG C 193 -6.64 26.32 12.57
C ARG C 193 -5.27 26.53 11.96
N HIS C 194 -5.14 26.44 10.64
CA HIS C 194 -3.84 26.68 10.00
C HIS C 194 -3.99 27.63 8.83
N ASN C 195 -2.88 28.13 8.33
CA ASN C 195 -2.90 29.12 7.26
C ASN C 195 -2.36 28.62 5.92
N SER C 196 -1.21 27.96 5.99
CA SER C 196 -0.45 27.64 4.78
C SER C 196 -0.59 26.18 4.34
N TYR C 197 -1.01 25.97 3.10
CA TYR C 197 -1.20 24.63 2.56
C TYR C 197 -0.35 24.43 1.31
N THR C 198 0.43 23.36 1.36
CA THR C 198 1.51 23.10 0.43
C THR C 198 1.42 21.65 -0.05
N CYS C 199 1.53 21.46 -1.36
CA CYS C 199 1.77 20.11 -1.89
C CYS C 199 3.04 20.10 -2.73
N GLU C 200 3.87 19.10 -2.48
CA GLU C 200 5.12 18.92 -3.19
C GLU C 200 4.99 17.67 -4.04
N ALA C 201 5.17 17.80 -5.36
CA ALA C 201 5.15 16.65 -6.28
C ALA C 201 6.56 16.11 -6.55
N THR C 202 6.82 14.89 -6.10
CA THR C 202 8.12 14.22 -6.30
C THR C 202 7.99 13.22 -7.46
N HIS C 203 8.72 13.46 -8.53
CA HIS C 203 8.66 12.61 -9.70
C HIS C 203 10.10 12.31 -10.05
N LYS C 204 10.35 11.28 -10.86
CA LYS C 204 11.74 10.94 -11.20
C LYS C 204 12.34 11.84 -12.30
N THR C 205 11.58 12.83 -12.77
CA THR C 205 12.10 13.84 -13.71
C THR C 205 12.72 15.07 -13.02
N SER C 206 12.83 15.02 -11.69
CA SER C 206 13.49 16.06 -10.96
C SER C 206 13.93 15.52 -9.60
N THR C 207 15.11 15.93 -9.16
CA THR C 207 15.58 15.59 -7.83
C THR C 207 14.77 16.42 -6.83
N SER C 208 14.57 17.70 -7.16
CA SER C 208 13.74 18.59 -6.34
C SER C 208 12.23 18.59 -6.71
N PRO C 209 11.34 18.39 -5.73
CA PRO C 209 9.92 18.33 -6.03
C PRO C 209 9.36 19.63 -6.56
N ILE C 210 8.27 19.57 -7.33
CA ILE C 210 7.53 20.77 -7.73
C ILE C 210 6.52 21.09 -6.63
N VAL C 211 6.49 22.36 -6.24
CA VAL C 211 5.82 22.81 -5.03
C VAL C 211 4.80 23.90 -5.35
N LYS C 212 3.56 23.70 -4.91
CA LYS C 212 2.53 24.74 -4.94
C LYS C 212 1.97 25.00 -3.54
N SER C 213 1.46 26.22 -3.35
CA SER C 213 0.98 26.66 -2.06
C SER C 213 -0.12 27.71 -2.14
N PHE C 214 -0.93 27.79 -1.10
CA PHE C 214 -1.74 28.99 -0.86
C PHE C 214 -1.80 29.31 0.63
N ASN C 215 -2.25 30.53 0.90
CA ASN C 215 -2.56 30.99 2.25
C ASN C 215 -4.03 31.29 2.38
N ARG C 216 -4.67 30.58 3.30
CA ARG C 216 -6.08 30.76 3.62
C ARG C 216 -6.39 32.25 3.98
N ASN C 217 -6.41 33.10 2.95
CA ASN C 217 -6.51 34.57 3.06
C ASN C 217 -7.00 35.16 1.73
N VAL D 2 -26.00 2.61 -35.35
CA VAL D 2 -26.26 1.54 -34.31
C VAL D 2 -25.78 1.97 -32.93
N LYS D 3 -26.75 2.15 -32.02
CA LYS D 3 -26.45 2.31 -30.60
C LYS D 3 -27.50 1.68 -29.69
N LEU D 4 -27.04 1.17 -28.56
CA LEU D 4 -27.87 0.51 -27.57
C LEU D 4 -27.73 1.29 -26.28
N VAL D 5 -28.85 1.61 -25.64
CA VAL D 5 -28.80 2.33 -24.38
C VAL D 5 -29.50 1.50 -23.32
N GLU D 6 -28.79 1.13 -22.26
CA GLU D 6 -29.38 0.37 -21.17
C GLU D 6 -29.66 1.29 -20.00
N SER D 7 -30.60 0.87 -19.16
CA SER D 7 -31.00 1.61 -17.97
C SER D 7 -31.70 0.69 -16.98
N GLY D 8 -32.01 1.21 -15.81
CA GLY D 8 -32.74 0.45 -14.77
C GLY D 8 -31.86 0.05 -13.60
N GLY D 9 -30.58 0.31 -13.73
CA GLY D 9 -29.61 -0.24 -12.79
C GLY D 9 -29.61 0.54 -11.50
N GLY D 10 -29.17 -0.11 -10.44
CA GLY D 10 -29.21 0.52 -9.15
C GLY D 10 -28.91 -0.44 -8.04
N LEU D 11 -29.09 0.02 -6.81
CA LEU D 11 -28.72 -0.80 -5.68
C LEU D 11 -29.92 -1.66 -5.35
N VAL D 12 -29.64 -2.87 -4.85
CA VAL D 12 -30.66 -3.82 -4.43
C VAL D 12 -30.08 -4.66 -3.29
N LYS D 13 -30.95 -5.05 -2.34
CA LYS D 13 -30.52 -5.81 -1.17
C LYS D 13 -30.36 -7.28 -1.54
N LEU D 14 -29.51 -7.99 -0.81
CA LEU D 14 -29.37 -9.44 -0.97
C LEU D 14 -30.73 -10.13 -1.09
N GLY D 15 -30.88 -11.02 -2.07
CA GLY D 15 -32.15 -11.74 -2.29
C GLY D 15 -33.26 -10.97 -3.02
N GLY D 16 -32.98 -9.75 -3.48
CA GLY D 16 -33.99 -8.93 -4.16
C GLY D 16 -34.12 -9.16 -5.65
N SER D 17 -34.88 -8.28 -6.30
CA SER D 17 -35.15 -8.37 -7.73
C SER D 17 -34.88 -7.02 -8.38
N LEU D 18 -34.60 -7.05 -9.70
CA LEU D 18 -34.41 -5.82 -10.46
C LEU D 18 -34.61 -6.09 -11.93
N LYS D 19 -35.18 -5.11 -12.63
CA LYS D 19 -35.45 -5.20 -14.08
C LYS D 19 -34.68 -4.16 -14.87
N LEU D 20 -33.86 -4.60 -15.81
CA LEU D 20 -33.08 -3.70 -16.66
C LEU D 20 -33.69 -3.62 -18.05
N SER D 21 -33.50 -2.48 -18.71
CA SER D 21 -34.03 -2.20 -20.05
C SER D 21 -32.92 -1.82 -21.01
N CYS D 22 -33.21 -1.91 -22.30
CA CYS D 22 -32.24 -1.55 -23.34
C CYS D 22 -32.98 -1.01 -24.57
N ALA D 23 -32.55 0.14 -25.08
CA ALA D 23 -33.22 0.85 -26.17
C ALA D 23 -32.47 0.77 -27.50
N ALA D 24 -32.83 -0.22 -28.33
CA ALA D 24 -32.19 -0.39 -29.62
C ALA D 24 -32.69 0.65 -30.62
N SER D 25 -31.76 1.25 -31.36
CA SER D 25 -32.10 2.06 -32.52
C SER D 25 -30.90 2.13 -33.44
N GLY D 26 -31.16 2.34 -34.73
CA GLY D 26 -30.10 2.40 -35.75
C GLY D 26 -30.14 1.23 -36.74
N PHE D 27 -31.07 0.31 -36.55
CA PHE D 27 -31.15 -0.91 -37.37
C PHE D 27 -32.48 -1.65 -37.16
N THR D 28 -32.69 -2.72 -37.93
CA THR D 28 -33.86 -3.57 -37.76
C THR D 28 -33.66 -4.47 -36.52
N PHE D 29 -34.24 -4.05 -35.41
CA PHE D 29 -34.20 -4.76 -34.14
C PHE D 29 -34.59 -6.25 -34.27
N SER D 30 -35.70 -6.49 -34.96
CA SER D 30 -36.28 -7.84 -35.04
C SER D 30 -35.48 -8.84 -35.86
N ASN D 31 -34.56 -8.37 -36.71
CA ASN D 31 -33.75 -9.28 -37.53
C ASN D 31 -32.65 -10.04 -36.75
N TYR D 32 -32.20 -9.48 -35.62
CA TYR D 32 -30.99 -9.95 -34.91
C TYR D 32 -31.23 -10.61 -33.53
N PHE D 33 -30.40 -11.59 -33.18
CA PHE D 33 -30.31 -12.13 -31.81
C PHE D 33 -29.73 -11.07 -30.89
N MET D 34 -30.09 -11.11 -29.61
CA MET D 34 -29.60 -10.16 -28.62
C MET D 34 -29.17 -10.84 -27.33
N SER D 35 -28.41 -10.13 -26.50
CA SER D 35 -27.81 -10.73 -25.32
C SER D 35 -27.49 -9.75 -24.17
N TRP D 36 -27.24 -10.32 -22.99
CA TRP D 36 -26.74 -9.58 -21.83
C TRP D 36 -25.43 -10.23 -21.39
N VAL D 37 -24.38 -9.43 -21.32
CA VAL D 37 -23.08 -9.87 -20.83
C VAL D 37 -22.70 -8.96 -19.71
N ARG D 38 -22.21 -9.51 -18.63
CA ARG D 38 -21.90 -8.70 -17.45
C ARG D 38 -20.42 -8.64 -17.24
N GLN D 39 -19.96 -7.55 -16.63
CA GLN D 39 -18.54 -7.37 -16.31
C GLN D 39 -18.42 -7.15 -14.81
N THR D 40 -17.66 -8.00 -14.18
CA THR D 40 -17.53 -8.07 -12.74
C THR D 40 -16.60 -6.93 -12.28
N PRO D 41 -16.59 -6.60 -10.98
CA PRO D 41 -15.75 -5.47 -10.57
C PRO D 41 -14.28 -5.70 -10.83
N GLU D 42 -13.90 -6.98 -10.92
CA GLU D 42 -12.54 -7.44 -11.15
C GLU D 42 -12.20 -7.52 -12.66
N LYS D 43 -13.09 -7.01 -13.51
CA LYS D 43 -12.96 -6.91 -14.99
C LYS D 43 -13.14 -8.20 -15.81
N ARG D 44 -13.60 -9.28 -15.18
CA ARG D 44 -13.97 -10.49 -15.91
C ARG D 44 -15.33 -10.31 -16.51
N LEU D 45 -15.51 -10.86 -17.71
CA LEU D 45 -16.76 -10.86 -18.41
C LEU D 45 -17.38 -12.25 -18.33
N GLU D 46 -18.71 -12.27 -18.29
CA GLU D 46 -19.47 -13.51 -18.28
C GLU D 46 -20.73 -13.23 -19.06
N LEU D 47 -21.13 -14.19 -19.88
CA LEU D 47 -22.40 -14.11 -20.57
C LEU D 47 -23.46 -14.55 -19.57
N VAL D 48 -24.66 -13.97 -19.65
CA VAL D 48 -25.71 -14.36 -18.72
C VAL D 48 -27.09 -14.61 -19.34
N ALA D 49 -27.30 -14.21 -20.59
CA ALA D 49 -28.60 -14.41 -21.25
C ALA D 49 -28.60 -14.22 -22.78
N VAL D 50 -29.43 -15.01 -23.46
CA VAL D 50 -29.56 -14.96 -24.92
C VAL D 50 -31.04 -15.09 -25.32
N ILE D 51 -31.44 -14.35 -26.34
CA ILE D 51 -32.79 -14.39 -26.84
C ILE D 51 -32.76 -14.31 -28.37
N THR D 52 -33.59 -15.14 -29.00
CA THR D 52 -33.68 -15.19 -30.47
C THR D 52 -34.33 -13.92 -31.03
N SER D 53 -34.24 -13.76 -32.35
CA SER D 53 -34.83 -12.64 -33.09
C SER D 53 -36.34 -12.43 -32.83
N ASN D 54 -37.09 -13.53 -32.86
CA ASN D 54 -38.55 -13.50 -32.68
C ASN D 54 -39.01 -13.39 -31.23
N GLY D 55 -38.12 -13.72 -30.30
CA GLY D 55 -38.48 -13.85 -28.88
C GLY D 55 -38.92 -15.27 -28.52
N ASP D 56 -38.93 -16.15 -29.53
CA ASP D 56 -39.46 -17.50 -29.38
C ASP D 56 -38.64 -18.40 -28.44
N ASN D 57 -37.37 -18.05 -28.20
CA ASN D 57 -36.48 -18.93 -27.44
C ASN D 57 -35.39 -18.20 -26.63
N THR D 58 -35.01 -18.77 -25.47
CA THR D 58 -33.98 -18.20 -24.58
C THR D 58 -32.97 -19.22 -24.04
N TYR D 59 -31.75 -18.76 -23.75
CA TYR D 59 -30.69 -19.53 -23.04
C TYR D 59 -30.07 -18.74 -21.88
N TYR D 60 -29.71 -19.46 -20.82
CA TYR D 60 -29.02 -18.89 -19.65
C TYR D 60 -27.95 -19.89 -19.21
N PRO D 61 -26.78 -19.40 -18.72
CA PRO D 61 -25.81 -20.30 -18.12
C PRO D 61 -26.28 -20.72 -16.76
N ASP D 62 -25.53 -21.63 -16.13
CA ASP D 62 -26.00 -22.27 -14.88
C ASP D 62 -25.98 -21.30 -13.71
N THR D 63 -24.97 -20.44 -13.68
CA THR D 63 -24.80 -19.45 -12.61
C THR D 63 -26.03 -18.57 -12.36
N VAL D 64 -26.95 -18.47 -13.31
CA VAL D 64 -28.13 -17.60 -13.20
C VAL D 64 -29.43 -18.20 -13.70
N LYS D 65 -29.42 -19.45 -14.18
CA LYS D 65 -30.62 -20.07 -14.75
C LYS D 65 -31.68 -20.26 -13.66
N GLY D 66 -32.91 -19.88 -13.99
CA GLY D 66 -34.04 -19.93 -13.04
C GLY D 66 -34.20 -18.67 -12.20
N ARG D 67 -33.15 -17.85 -12.14
CA ARG D 67 -33.18 -16.57 -11.42
C ARG D 67 -33.41 -15.43 -12.36
N PHE D 68 -32.81 -15.53 -13.57
CA PHE D 68 -32.87 -14.45 -14.56
C PHE D 68 -33.86 -14.78 -15.67
N THR D 69 -34.39 -13.76 -16.34
CA THR D 69 -35.30 -13.94 -17.46
C THR D 69 -35.19 -12.80 -18.49
N ILE D 70 -34.51 -13.08 -19.60
CA ILE D 70 -34.43 -12.16 -20.74
C ILE D 70 -35.73 -12.17 -21.57
N SER D 71 -36.13 -10.99 -22.07
CA SER D 71 -37.37 -10.83 -22.84
C SER D 71 -37.22 -9.69 -23.88
N ARG D 72 -38.30 -9.39 -24.61
CA ARG D 72 -38.21 -8.43 -25.73
C ARG D 72 -39.58 -7.91 -26.22
N ASP D 73 -39.74 -6.58 -26.21
CA ASP D 73 -40.85 -5.91 -26.92
C ASP D 73 -40.33 -5.54 -28.30
N ASN D 74 -40.33 -6.52 -29.20
CA ASN D 74 -39.72 -6.40 -30.53
C ASN D 74 -40.30 -5.24 -31.32
N ALA D 75 -41.58 -4.95 -31.08
CA ALA D 75 -42.23 -3.81 -31.72
C ALA D 75 -41.63 -2.48 -31.24
N GLN D 76 -41.51 -2.32 -29.93
CA GLN D 76 -41.14 -1.03 -29.34
C GLN D 76 -39.62 -0.78 -29.33
N ASN D 77 -38.85 -1.62 -30.03
CA ASN D 77 -37.37 -1.53 -30.11
C ASN D 77 -36.66 -1.65 -28.75
N THR D 78 -37.04 -2.65 -27.96
CA THR D 78 -36.63 -2.72 -26.56
C THR D 78 -36.30 -4.14 -26.09
N LEU D 79 -35.32 -4.27 -25.19
CA LEU D 79 -34.91 -5.54 -24.61
C LEU D 79 -34.80 -5.42 -23.09
N TYR D 80 -35.14 -6.49 -22.39
CA TYR D 80 -35.20 -6.49 -20.93
C TYR D 80 -34.39 -7.64 -20.35
N LEU D 81 -34.05 -7.55 -19.06
CA LEU D 81 -33.56 -8.69 -18.29
C LEU D 81 -34.11 -8.55 -16.90
N GLN D 82 -35.05 -9.43 -16.54
CA GLN D 82 -35.59 -9.42 -15.19
C GLN D 82 -34.69 -10.31 -14.35
N MET D 83 -34.25 -9.80 -13.19
CA MET D 83 -33.40 -10.59 -12.31
C MET D 83 -34.10 -10.81 -10.99
N SER D 84 -33.74 -11.89 -10.29
CA SER D 84 -34.37 -12.26 -9.02
C SER D 84 -33.42 -13.03 -8.11
N SER D 85 -33.78 -13.11 -6.83
CA SER D 85 -32.97 -13.77 -5.81
C SER D 85 -31.49 -13.42 -5.95
N LEU D 86 -31.22 -12.13 -6.10
CA LEU D 86 -29.87 -11.61 -6.34
C LEU D 86 -28.91 -11.92 -5.21
N LYS D 87 -27.67 -12.26 -5.60
CA LYS D 87 -26.58 -12.49 -4.66
C LYS D 87 -25.51 -11.44 -4.87
N SER D 88 -24.53 -11.41 -3.98
CA SER D 88 -23.50 -10.38 -4.01
C SER D 88 -22.64 -10.45 -5.28
N GLU D 89 -22.39 -11.66 -5.78
CA GLU D 89 -21.56 -11.86 -6.97
C GLU D 89 -22.29 -11.52 -8.26
N ASP D 90 -23.58 -11.23 -8.18
CA ASP D 90 -24.31 -10.64 -9.31
C ASP D 90 -23.98 -9.15 -9.51
N THR D 91 -23.19 -8.56 -8.61
CA THR D 91 -22.81 -7.15 -8.70
C THR D 91 -21.94 -7.01 -9.92
N ALA D 92 -22.33 -6.18 -10.86
CA ALA D 92 -21.54 -6.05 -12.08
C ALA D 92 -22.12 -5.00 -13.00
N LEU D 93 -21.32 -4.58 -13.99
CA LEU D 93 -21.81 -3.72 -15.07
C LEU D 93 -22.50 -4.64 -16.06
N TYR D 94 -23.74 -4.31 -16.40
CA TYR D 94 -24.54 -5.12 -17.29
C TYR D 94 -24.60 -4.52 -18.69
N TYR D 95 -24.12 -5.31 -19.66
CA TYR D 95 -23.98 -4.86 -21.03
C TYR D 95 -25.05 -5.50 -21.92
N CYS D 96 -25.74 -4.64 -22.67
CA CYS D 96 -26.63 -5.04 -23.73
C CYS D 96 -25.68 -5.27 -24.91
N ALA D 97 -25.63 -6.51 -25.43
CA ALA D 97 -24.72 -6.90 -26.52
C ALA D 97 -25.47 -7.63 -27.61
N ARG D 98 -25.15 -7.28 -28.86
CA ARG D 98 -25.81 -7.84 -30.07
C ARG D 98 -25.02 -8.93 -30.80
N ARG D 99 -25.73 -9.96 -31.27
CA ARG D 99 -25.14 -11.05 -32.10
C ARG D 99 -25.08 -10.70 -33.60
N ASP D 100 -24.05 -11.21 -34.28
CA ASP D 100 -23.93 -11.13 -35.73
C ASP D 100 -25.01 -11.92 -36.46
N SER D 101 -25.22 -11.57 -37.72
CA SER D 101 -26.16 -12.28 -38.58
C SER D 101 -25.44 -13.39 -39.34
N SER D 102 -24.13 -13.27 -39.51
CA SER D 102 -23.35 -14.23 -40.31
C SER D 102 -23.10 -15.60 -39.62
N ALA D 103 -23.76 -15.85 -38.49
CA ALA D 103 -23.70 -17.15 -37.79
C ALA D 103 -22.26 -17.57 -37.39
N SER D 104 -21.46 -16.57 -36.98
CA SER D 104 -20.08 -16.78 -36.54
C SER D 104 -19.95 -16.61 -35.02
N LEU D 105 -21.08 -16.42 -34.34
CA LEU D 105 -21.18 -16.58 -32.89
C LEU D 105 -20.35 -15.56 -32.10
N TYR D 106 -20.40 -14.31 -32.54
CA TYR D 106 -19.70 -13.24 -31.83
C TYR D 106 -20.66 -12.10 -31.56
N PHE D 107 -20.19 -11.09 -30.83
CA PHE D 107 -20.99 -9.92 -30.50
C PHE D 107 -20.40 -8.73 -31.20
N ASP D 108 -21.22 -8.06 -32.01
CA ASP D 108 -20.71 -6.97 -32.84
C ASP D 108 -20.86 -5.62 -32.15
N TYR D 109 -22.04 -5.29 -31.66
CA TYR D 109 -22.20 -4.02 -30.93
C TYR D 109 -22.57 -4.19 -29.45
N TRP D 110 -22.14 -3.23 -28.63
CA TRP D 110 -22.43 -3.23 -27.17
C TRP D 110 -22.96 -1.88 -26.73
N GLY D 111 -23.73 -1.88 -25.63
CA GLY D 111 -24.16 -0.62 -24.99
C GLY D 111 -23.09 -0.15 -24.02
N GLN D 112 -23.24 1.05 -23.47
CA GLN D 112 -22.30 1.54 -22.45
C GLN D 112 -22.42 0.83 -21.09
N GLY D 113 -23.61 0.33 -20.77
CA GLY D 113 -23.81 -0.53 -19.60
C GLY D 113 -24.55 0.15 -18.46
N THR D 114 -25.22 -0.64 -17.62
CA THR D 114 -25.92 -0.12 -16.44
C THR D 114 -25.48 -0.98 -15.28
N THR D 115 -25.18 -0.37 -14.13
CA THR D 115 -24.53 -1.10 -13.05
C THR D 115 -25.56 -1.62 -12.04
N LEU D 116 -25.45 -2.90 -11.69
CA LEU D 116 -26.25 -3.48 -10.62
C LEU D 116 -25.35 -3.64 -9.40
N THR D 117 -25.83 -3.18 -8.25
CA THR D 117 -25.09 -3.42 -7.02
C THR D 117 -25.98 -4.16 -6.06
N VAL D 118 -25.45 -5.23 -5.48
CA VAL D 118 -26.17 -6.02 -4.50
C VAL D 118 -25.54 -5.82 -3.14
N SER D 119 -26.22 -5.13 -2.25
CA SER D 119 -25.72 -4.90 -0.90
C SER D 119 -26.79 -4.42 0.06
N SER D 120 -26.44 -4.38 1.34
CA SER D 120 -27.35 -3.88 2.38
C SER D 120 -27.16 -2.38 2.64
N ALA D 121 -26.15 -1.78 1.98
CA ALA D 121 -25.88 -0.35 2.14
C ALA D 121 -26.97 0.42 1.46
N THR D 122 -26.93 1.73 1.59
CA THR D 122 -28.00 2.57 1.02
C THR D 122 -27.46 3.60 0.02
N THR D 123 -28.28 3.86 -0.99
CA THR D 123 -27.95 4.79 -2.03
C THR D 123 -27.70 6.16 -1.44
N THR D 124 -26.60 6.76 -1.84
CA THR D 124 -26.24 8.09 -1.43
C THR D 124 -25.70 8.85 -2.63
N ALA D 125 -26.29 10.01 -2.87
CA ALA D 125 -25.99 10.84 -4.01
C ALA D 125 -24.76 11.67 -3.73
N PRO D 126 -24.05 12.11 -4.78
CA PRO D 126 -22.84 12.86 -4.45
C PRO D 126 -23.11 14.31 -4.09
N SER D 127 -22.12 14.95 -3.49
CA SER D 127 -22.03 16.37 -3.46
C SER D 127 -20.96 16.79 -4.44
N VAL D 128 -21.15 17.93 -5.08
CA VAL D 128 -20.24 18.43 -6.10
C VAL D 128 -19.72 19.78 -5.68
N TYR D 129 -18.40 19.91 -5.63
CA TYR D 129 -17.79 21.15 -5.18
C TYR D 129 -16.82 21.67 -6.24
N PRO D 130 -16.82 22.98 -6.48
CA PRO D 130 -15.86 23.46 -7.46
C PRO D 130 -14.40 23.39 -7.01
N LEU D 131 -13.55 23.21 -8.02
CA LEU D 131 -12.13 23.35 -7.88
C LEU D 131 -11.74 24.55 -8.71
N VAL D 132 -11.39 25.64 -8.02
CA VAL D 132 -11.04 26.90 -8.67
C VAL D 132 -9.69 27.39 -8.14
N PRO D 133 -8.81 27.88 -9.00
CA PRO D 133 -7.44 28.18 -8.57
C PRO D 133 -7.28 29.09 -7.34
N GLY D 134 -8.11 30.10 -7.20
CA GLY D 134 -8.00 30.97 -6.03
C GLY D 134 -7.01 32.12 -6.18
N CYS D 135 -7.15 33.09 -5.28
CA CYS D 135 -6.47 34.39 -5.35
C CYS D 135 -4.95 34.27 -5.34
N SER D 136 -4.30 35.18 -6.06
CA SER D 136 -2.85 35.16 -6.27
C SER D 136 -2.42 33.84 -6.88
N ASP D 137 -2.98 33.55 -8.06
CA ASP D 137 -2.56 32.41 -8.86
C ASP D 137 -2.51 32.85 -10.33
N THR D 138 -1.40 32.50 -10.97
CA THR D 138 -1.17 32.82 -12.37
C THR D 138 -0.59 31.57 -13.05
N SER D 139 -1.37 31.04 -13.98
CA SER D 139 -1.07 29.78 -14.67
C SER D 139 -0.69 30.03 -16.14
N GLY D 140 -0.61 31.30 -16.53
CA GLY D 140 -0.36 31.64 -17.90
C GLY D 140 -1.65 31.70 -18.69
N SER D 141 -1.55 31.30 -19.95
CA SER D 141 -2.65 31.40 -20.91
C SER D 141 -3.66 30.24 -20.81
N SER D 142 -3.39 29.31 -19.89
CA SER D 142 -4.28 28.20 -19.63
C SER D 142 -4.62 28.10 -18.14
N VAL D 143 -5.90 27.90 -17.83
CA VAL D 143 -6.37 27.64 -16.47
C VAL D 143 -6.89 26.21 -16.33
N THR D 144 -6.66 25.61 -15.17
CA THR D 144 -7.17 24.30 -14.85
C THR D 144 -8.21 24.41 -13.73
N LEU D 145 -9.39 23.88 -14.02
CA LEU D 145 -10.57 23.95 -13.14
C LEU D 145 -11.14 22.57 -12.98
N GLY D 146 -12.01 22.38 -11.99
CA GLY D 146 -12.57 21.08 -11.81
C GLY D 146 -13.77 20.99 -10.90
N CYS D 147 -14.22 19.76 -10.74
CA CYS D 147 -15.28 19.39 -9.87
C CYS D 147 -14.76 18.25 -8.96
N LEU D 148 -14.85 18.48 -7.66
CA LEU D 148 -14.64 17.40 -6.69
C LEU D 148 -16.00 16.77 -6.48
N VAL D 149 -16.11 15.46 -6.70
CA VAL D 149 -17.41 14.76 -6.58
C VAL D 149 -17.25 13.79 -5.44
N LYS D 150 -17.98 14.00 -4.37
CA LYS D 150 -17.61 13.40 -3.09
C LYS D 150 -18.81 12.80 -2.37
N GLY D 151 -18.60 11.69 -1.71
CA GLY D 151 -19.59 11.13 -0.81
C GLY D 151 -20.71 10.38 -1.46
N TYR D 152 -20.47 9.57 -2.49
CA TYR D 152 -21.58 8.84 -3.14
C TYR D 152 -21.45 7.32 -3.00
N PHE D 153 -22.55 6.61 -3.20
CA PHE D 153 -22.55 5.16 -3.17
C PHE D 153 -23.83 4.75 -3.83
N PRO D 154 -23.79 3.72 -4.67
CA PRO D 154 -22.68 2.96 -5.15
C PRO D 154 -22.05 3.68 -6.33
N GLU D 155 -21.06 3.06 -6.93
CA GLU D 155 -20.51 3.61 -8.15
C GLU D 155 -21.29 3.15 -9.36
N PRO D 156 -21.18 3.86 -10.49
CA PRO D 156 -20.33 4.99 -10.77
C PRO D 156 -21.06 6.30 -10.84
N VAL D 157 -20.30 7.38 -10.99
CA VAL D 157 -20.84 8.66 -11.46
C VAL D 157 -20.21 8.91 -12.83
N THR D 158 -20.87 9.69 -13.69
CA THR D 158 -20.16 10.20 -14.89
C THR D 158 -19.97 11.70 -14.73
N VAL D 159 -18.87 12.20 -15.24
CA VAL D 159 -18.70 13.64 -15.36
C VAL D 159 -18.47 14.10 -16.81
N LYS D 160 -19.20 15.16 -17.17
CA LYS D 160 -19.01 15.85 -18.42
C LYS D 160 -18.85 17.32 -18.11
N TRP D 161 -18.41 18.06 -19.11
CA TRP D 161 -18.23 19.50 -19.02
C TRP D 161 -19.00 20.22 -20.12
N ASN D 162 -19.75 21.23 -19.73
CA ASN D 162 -20.68 21.93 -20.65
C ASN D 162 -21.46 20.98 -21.51
N TYR D 163 -22.03 19.97 -20.85
CA TYR D 163 -22.91 18.98 -21.43
C TYR D 163 -22.25 18.19 -22.53
N GLY D 164 -20.94 18.10 -22.51
CA GLY D 164 -20.20 17.34 -23.52
C GLY D 164 -19.52 18.24 -24.54
N ALA D 165 -19.88 19.52 -24.59
CA ALA D 165 -19.33 20.43 -25.61
C ALA D 165 -17.84 20.70 -25.41
N LEU D 166 -17.44 20.64 -24.14
CA LEU D 166 -16.07 20.86 -23.73
C LEU D 166 -15.50 19.50 -23.40
N SER D 167 -14.67 18.95 -24.28
CA SER D 167 -14.22 17.55 -24.17
C SER D 167 -12.70 17.37 -24.17
N SER D 168 -12.01 18.33 -24.78
CA SER D 168 -10.57 18.29 -24.94
C SER D 168 -9.96 18.83 -23.65
N GLY D 169 -8.85 18.25 -23.22
CA GLY D 169 -8.25 18.60 -21.96
C GLY D 169 -8.98 18.15 -20.69
N VAL D 170 -9.85 17.14 -20.78
CA VAL D 170 -10.54 16.62 -19.59
C VAL D 170 -9.74 15.47 -18.95
N ARG D 171 -9.66 15.48 -17.62
CA ARG D 171 -8.97 14.41 -16.90
C ARG D 171 -9.84 14.02 -15.70
N THR D 172 -10.38 12.81 -15.71
CA THR D 172 -11.20 12.32 -14.63
C THR D 172 -10.44 11.15 -14.00
N VAL D 173 -10.09 11.30 -12.74
CA VAL D 173 -9.35 10.29 -12.05
C VAL D 173 -10.31 9.18 -11.70
N SER D 174 -9.78 7.99 -11.42
CA SER D 174 -10.59 6.91 -10.89
C SER D 174 -11.09 7.21 -9.45
N SER D 175 -12.19 6.58 -9.08
CA SER D 175 -12.85 6.79 -7.80
C SER D 175 -12.05 6.15 -6.67
N VAL D 176 -12.03 6.75 -5.47
CA VAL D 176 -11.54 6.04 -4.27
C VAL D 176 -12.70 5.75 -3.32
N LEU D 177 -12.65 4.57 -2.70
CA LEU D 177 -13.62 4.16 -1.69
C LEU D 177 -13.02 4.37 -0.32
N GLN D 178 -13.64 5.22 0.49
CA GLN D 178 -13.24 5.45 1.86
C GLN D 178 -14.44 5.46 2.81
N SER D 179 -14.50 4.49 3.72
CA SER D 179 -15.54 4.43 4.74
C SER D 179 -16.91 4.24 4.13
N GLY D 180 -16.99 3.45 3.08
CA GLY D 180 -18.23 3.13 2.46
C GLY D 180 -18.73 4.14 1.45
N PHE D 181 -17.94 5.17 1.14
CA PHE D 181 -18.36 6.17 0.16
C PHE D 181 -17.28 6.42 -0.88
N TYR D 182 -17.68 6.84 -2.05
CA TYR D 182 -16.75 7.07 -3.13
C TYR D 182 -16.54 8.55 -3.39
N SER D 183 -15.37 8.87 -3.84
CA SER D 183 -15.11 10.20 -4.24
C SER D 183 -14.24 10.17 -5.50
N LEU D 184 -14.42 11.14 -6.38
CA LEU D 184 -13.49 11.37 -7.51
C LEU D 184 -13.44 12.82 -7.87
N SER D 185 -12.48 13.17 -8.71
CA SER D 185 -12.47 14.47 -9.27
C SER D 185 -12.25 14.47 -10.77
N SER D 186 -12.77 15.52 -11.38
CA SER D 186 -12.65 15.77 -12.80
C SER D 186 -12.16 17.18 -12.99
N LEU D 187 -11.12 17.27 -13.82
CA LEU D 187 -10.47 18.52 -14.10
C LEU D 187 -10.43 18.77 -15.60
N VAL D 188 -10.52 20.05 -15.96
CA VAL D 188 -10.42 20.50 -17.36
C VAL D 188 -9.49 21.69 -17.42
N THR D 189 -8.68 21.76 -18.47
CA THR D 189 -7.82 22.93 -18.68
C THR D 189 -8.33 23.67 -19.91
N VAL D 190 -8.49 24.98 -19.78
CA VAL D 190 -9.01 25.76 -20.89
C VAL D 190 -8.23 27.05 -21.02
N PRO D 191 -8.23 27.67 -22.23
CA PRO D 191 -7.50 28.91 -22.34
C PRO D 191 -8.12 29.95 -21.40
N SER D 192 -7.27 30.74 -20.73
CA SER D 192 -7.70 31.80 -19.81
C SER D 192 -8.58 32.88 -20.47
N SER D 193 -8.50 32.99 -21.79
CA SER D 193 -9.43 33.84 -22.56
C SER D 193 -10.88 33.28 -22.58
N THR D 194 -11.05 32.01 -22.23
CA THR D 194 -12.35 31.37 -22.14
C THR D 194 -13.00 31.41 -20.75
N TRP D 195 -12.22 31.44 -19.69
CA TRP D 195 -12.79 31.49 -18.34
C TRP D 195 -12.10 32.59 -17.53
N PRO D 196 -12.88 33.39 -16.77
CA PRO D 196 -14.33 33.36 -16.52
C PRO D 196 -15.21 34.18 -17.48
N SER D 197 -14.71 34.52 -18.67
CA SER D 197 -15.53 35.30 -19.63
C SER D 197 -16.66 34.47 -20.26
N GLN D 198 -16.38 33.18 -20.52
CA GLN D 198 -17.39 32.21 -20.92
C GLN D 198 -17.70 31.31 -19.73
N THR D 199 -18.78 30.56 -19.83
CA THR D 199 -19.30 29.82 -18.69
C THR D 199 -18.67 28.43 -18.69
N VAL D 200 -18.30 27.94 -17.50
CA VAL D 200 -17.84 26.55 -17.40
C VAL D 200 -18.61 25.77 -16.35
N ILE D 201 -19.25 24.69 -16.80
CA ILE D 201 -20.17 23.86 -16.02
C ILE D 201 -19.67 22.42 -16.03
N CYS D 202 -19.60 21.76 -14.88
CA CYS D 202 -19.55 20.31 -14.87
C CYS D 202 -20.92 19.67 -14.61
N ASN D 203 -21.19 18.64 -15.38
CA ASN D 203 -22.43 17.92 -15.33
C ASN D 203 -22.12 16.56 -14.71
N VAL D 204 -22.71 16.30 -13.55
CA VAL D 204 -22.46 15.08 -12.80
C VAL D 204 -23.76 14.29 -12.69
N ALA D 205 -23.69 13.07 -13.15
CA ALA D 205 -24.79 12.14 -13.12
C ALA D 205 -24.42 10.95 -12.20
N HIS D 206 -25.38 10.52 -11.40
CA HIS D 206 -25.26 9.34 -10.59
C HIS D 206 -26.59 8.60 -10.76
N PRO D 207 -26.68 7.74 -11.78
CA PRO D 207 -27.96 7.10 -12.14
C PRO D 207 -28.62 6.27 -11.06
N ALA D 208 -27.83 5.67 -10.17
CA ALA D 208 -28.36 4.87 -9.06
C ALA D 208 -29.29 5.64 -8.11
N SER D 209 -29.03 6.92 -7.90
CA SER D 209 -29.93 7.75 -7.11
C SER D 209 -30.71 8.68 -8.00
N LYS D 210 -30.66 8.44 -9.31
CA LYS D 210 -31.34 9.31 -10.30
C LYS D 210 -31.11 10.80 -10.09
N THR D 211 -29.85 11.15 -9.85
CA THR D 211 -29.45 12.56 -9.72
C THR D 211 -28.64 13.06 -10.92
N GLU D 212 -28.88 14.34 -11.22
CA GLU D 212 -28.15 15.09 -12.18
C GLU D 212 -27.83 16.40 -11.52
N LEU D 213 -26.56 16.67 -11.24
CA LEU D 213 -26.16 17.96 -10.70
C LEU D 213 -25.32 18.66 -11.73
N ILE D 214 -25.26 19.96 -11.58
CA ILE D 214 -24.36 20.76 -12.36
C ILE D 214 -23.75 21.72 -11.38
N LYS D 215 -22.52 22.13 -11.68
CA LYS D 215 -21.86 23.15 -10.91
C LYS D 215 -21.21 24.15 -11.87
N ARG D 216 -21.60 25.41 -11.72
CA ARG D 216 -21.02 26.52 -12.44
C ARG D 216 -19.71 26.77 -11.76
N ILE D 217 -18.61 26.81 -12.50
CA ILE D 217 -17.33 27.19 -11.90
C ILE D 217 -17.12 28.70 -11.95
N GLU D 218 -17.09 29.30 -10.77
CA GLU D 218 -17.20 30.74 -10.57
C GLU D 218 -15.88 31.21 -9.91
N PRO D 219 -15.38 32.41 -10.28
CA PRO D 219 -14.11 32.94 -9.72
C PRO D 219 -14.16 33.34 -8.24
N ARG D 220 -12.99 33.63 -7.69
CA ARG D 220 -12.67 33.78 -6.24
C ARG D 220 -12.24 32.44 -5.63
#